data_5N81
#
_entry.id   5N81
#
_cell.length_a   59.574
_cell.length_b   60.245
_cell.length_c   247.804
_cell.angle_alpha   90.00
_cell.angle_beta   90.00
_cell.angle_gamma   90.00
#
_symmetry.space_group_name_H-M   'P 21 21 21'
#
loop_
_entity.id
_entity.type
_entity.pdbx_description
1 polymer 'Tyrocidine synthase 1'
2 non-polymer '[(2~{R},3~{S},4~{R},5~{R})-5-(6-aminopurin-9-yl)-3,4-bis(oxidanyl)oxolan-2-yl]methyl ~{N}-[(3~{S})-3-azanyl-3-(4-prop-2-ynoxyphenyl)propanoyl]sulfamate'
3 non-polymer 'SULFATE ION'
4 non-polymer 2-[BIS-(2-HYDROXY-ETHYL)-AMINO]-2-HYDROXYMETHYL-PROPANE-1,3-DIOL
5 water water
#
_entity_poly.entity_id   1
_entity_poly.type   'polypeptide(L)'
_entity_poly.pdbx_seq_one_letter_code
;MHHHHHHSGRSVANQANLIDNKRELEQHALVPYAQGKSIHQLFEEQAEAFPDRVAIVFENRRLSYQELNRKANQLARALL
EKGVQTDSIVGVMMEKSIENVIAILAVLKAGGAYVPIDIEYPRDRIQYILQDSQTKIVLTQKSVSQLVHDVGYSGEVVVL
DEEQLDARETANLHQPSKPTDLAYVIYTSGTTGKPKGTMLEHKGIANLQSFFQNSFGVTEQDRIGLFASMSFDVSVSEMF
MALLSGASLYILSKQTIHDFAAFEHYLSENELTIITLPPTYLTHLTPERITSLRIMITAGSASSAPLVNKWKDKLRYINA
YGPTECLVATIWEAPSNQLSVQSVPIGKPIQNTHIYIVNEDLQLLPTGSEGELCIGGVGLARGYWNRPDLTAEKFVDNPF
VPGEKMYRTGDLAKWLTDGTIEFLGRI
;
_entity_poly.pdbx_strand_id   A,B
#
# COMPACT_ATOMS: atom_id res chain seq x y z
N ALA A 29 36.31 10.70 -19.18
CA ALA A 29 35.46 9.63 -19.68
C ALA A 29 36.04 9.05 -20.94
N LEU A 30 35.78 7.76 -21.19
CA LEU A 30 36.21 7.15 -22.44
C LEU A 30 35.70 7.97 -23.62
N VAL A 31 34.40 8.22 -23.67
CA VAL A 31 33.78 8.95 -24.77
C VAL A 31 33.42 10.34 -24.27
N PRO A 32 33.86 11.40 -24.94
CA PRO A 32 33.61 12.75 -24.42
C PRO A 32 32.12 13.00 -24.22
N TYR A 33 31.80 13.64 -23.10
CA TYR A 33 30.49 14.24 -22.90
C TYR A 33 30.68 15.45 -22.00
N ALA A 34 29.60 16.20 -21.77
CA ALA A 34 29.66 17.43 -20.99
C ALA A 34 29.80 17.05 -19.51
N GLN A 35 31.01 16.65 -19.14
CA GLN A 35 31.32 16.41 -17.75
C GLN A 35 31.24 17.72 -16.97
N GLY A 36 30.84 17.59 -15.73
CA GLY A 36 30.75 18.72 -14.86
C GLY A 36 29.50 19.55 -15.02
N LYS A 37 28.62 19.22 -15.96
CA LYS A 37 27.44 20.03 -16.24
C LYS A 37 26.17 19.33 -15.76
N SER A 38 25.24 20.13 -15.22
CA SER A 38 23.95 19.62 -14.83
C SER A 38 23.00 19.62 -16.04
N ILE A 39 21.90 18.87 -15.90
CA ILE A 39 20.90 18.82 -16.96
C ILE A 39 20.41 20.22 -17.31
N HIS A 40 20.06 21.03 -16.29
CA HIS A 40 19.51 22.33 -16.62
C HIS A 40 20.57 23.25 -17.20
N GLN A 41 21.83 23.08 -16.79
CA GLN A 41 22.92 23.80 -17.42
C GLN A 41 22.97 23.50 -18.91
N LEU A 42 22.87 22.23 -19.27
CA LEU A 42 22.92 21.87 -20.68
C LEU A 42 21.72 22.44 -21.43
N PHE A 43 20.55 22.45 -20.79
CA PHE A 43 19.38 23.05 -21.42
C PHE A 43 19.60 24.55 -21.61
N GLU A 44 20.12 25.21 -20.58
CA GLU A 44 20.37 26.65 -20.67
C GLU A 44 21.32 26.98 -21.81
N GLU A 45 22.33 26.12 -22.03
CA GLU A 45 23.23 26.31 -23.17
C GLU A 45 22.48 26.24 -24.49
N GLN A 46 21.54 25.30 -24.63
CA GLN A 46 20.76 25.23 -25.86
C GLN A 46 19.89 26.46 -26.01
N ALA A 47 19.35 26.96 -24.90
CA ALA A 47 18.49 28.15 -24.97
C ALA A 47 19.28 29.39 -25.37
N GLU A 48 20.58 29.43 -25.03
CA GLU A 48 21.42 30.55 -25.44
C GLU A 48 21.76 30.46 -26.91
N ALA A 49 21.99 29.24 -27.42
CA ALA A 49 22.37 29.07 -28.81
C ALA A 49 21.17 29.14 -29.75
N PHE A 50 19.98 28.73 -29.29
CA PHE A 50 18.81 28.61 -30.17
C PHE A 50 17.59 29.30 -29.55
N PRO A 51 17.73 30.56 -29.13
CA PRO A 51 16.66 31.19 -28.34
C PRO A 51 15.30 31.20 -29.03
N ASP A 52 15.26 31.41 -30.35
CA ASP A 52 13.99 31.56 -31.02
C ASP A 52 13.52 30.29 -31.71
N ARG A 53 14.27 29.21 -31.59
CA ARG A 53 13.78 27.93 -32.10
C ARG A 53 12.64 27.40 -31.23
N VAL A 54 11.72 26.68 -31.86
CA VAL A 54 10.66 26.00 -31.11
C VAL A 54 11.28 24.98 -30.17
N ALA A 55 10.91 25.06 -28.89
CA ALA A 55 11.37 24.05 -27.93
C ALA A 55 10.31 23.00 -27.65
N ILE A 56 9.03 23.38 -27.56
CA ILE A 56 8.02 22.45 -27.06
C ILE A 56 6.68 22.82 -27.68
N VAL A 57 5.91 21.79 -28.02
CA VAL A 57 4.60 21.93 -28.66
C VAL A 57 3.61 21.03 -27.93
N PHE A 58 2.42 21.57 -27.63
CA PHE A 58 1.33 20.73 -27.20
C PHE A 58 0.05 21.29 -27.79
N GLU A 59 -0.59 20.51 -28.67
CA GLU A 59 -1.83 20.92 -29.35
C GLU A 59 -1.58 22.29 -29.98
N ASN A 60 -2.43 23.29 -29.74
CA ASN A 60 -2.29 24.57 -30.43
C ASN A 60 -1.29 25.51 -29.79
N ARG A 61 -0.52 25.08 -28.80
CA ARG A 61 0.39 25.98 -28.10
C ARG A 61 1.83 25.53 -28.30
N ARG A 62 2.74 26.51 -28.28
CA ARG A 62 4.16 26.20 -28.38
C ARG A 62 4.97 27.29 -27.69
N LEU A 63 6.19 26.93 -27.30
CA LEU A 63 7.13 27.88 -26.72
C LEU A 63 8.48 27.74 -27.39
N SER A 64 9.15 28.87 -27.60
CA SER A 64 10.55 28.87 -28.01
C SER A 64 11.45 28.47 -26.86
N TYR A 65 12.72 28.19 -27.17
CA TYR A 65 13.69 27.90 -26.12
C TYR A 65 13.78 29.03 -25.12
N GLN A 66 13.84 30.28 -25.60
CA GLN A 66 13.96 31.41 -24.70
C GLN A 66 12.73 31.53 -23.80
N GLU A 67 11.53 31.34 -24.37
CA GLU A 67 10.30 31.46 -23.59
C GLU A 67 10.21 30.34 -22.55
N LEU A 68 10.52 29.11 -22.97
CA LEU A 68 10.52 27.98 -22.04
C LEU A 68 11.51 28.21 -20.90
N ASN A 69 12.72 28.68 -21.22
CA ASN A 69 13.73 28.87 -20.20
C ASN A 69 13.31 29.96 -19.21
N ARG A 70 12.78 31.07 -19.72
CA ARG A 70 12.37 32.16 -18.83
C ARG A 70 11.26 31.71 -17.89
N LYS A 71 10.27 30.98 -18.42
CA LYS A 71 9.19 30.52 -17.56
C LYS A 71 9.70 29.53 -16.52
N ALA A 72 10.62 28.65 -16.92
CA ALA A 72 11.20 27.72 -15.95
C ALA A 72 11.99 28.47 -14.87
N ASN A 73 12.68 29.55 -15.25
CA ASN A 73 13.42 30.34 -14.28
C ASN A 73 12.50 31.04 -13.29
N GLN A 74 11.39 31.60 -13.79
CA GLN A 74 10.43 32.24 -12.89
C GLN A 74 9.88 31.23 -11.87
N LEU A 75 9.51 30.04 -12.34
CA LEU A 75 8.99 29.04 -11.40
C LEU A 75 10.08 28.53 -10.48
N ALA A 76 11.32 28.39 -10.98
CA ALA A 76 12.40 27.94 -10.11
C ALA A 76 12.61 28.91 -8.95
N ARG A 77 12.51 30.21 -9.23
CA ARG A 77 12.65 31.20 -8.14
C ARG A 77 11.55 31.03 -7.11
N ALA A 78 10.32 30.77 -7.56
CA ALA A 78 9.24 30.50 -6.63
C ALA A 78 9.53 29.24 -5.80
N LEU A 79 10.05 28.19 -6.45
CA LEU A 79 10.33 26.97 -5.72
C LEU A 79 11.43 27.17 -4.68
N LEU A 80 12.46 27.94 -5.03
CA LEU A 80 13.49 28.29 -4.05
C LEU A 80 12.87 28.99 -2.84
N GLU A 81 11.98 29.95 -3.10
CA GLU A 81 11.33 30.67 -2.00
C GLU A 81 10.58 29.73 -1.08
N LYS A 82 10.04 28.63 -1.62
CA LYS A 82 9.29 27.67 -0.83
C LYS A 82 10.18 26.67 -0.10
N GLY A 83 11.48 26.64 -0.42
CA GLY A 83 12.42 25.79 0.28
C GLY A 83 13.06 24.69 -0.55
N VAL A 84 12.73 24.56 -1.84
CA VAL A 84 13.37 23.53 -2.64
C VAL A 84 14.87 23.78 -2.71
N GLN A 85 15.66 22.73 -2.50
CA GLN A 85 17.11 22.84 -2.44
C GLN A 85 17.73 21.49 -2.85
N THR A 86 19.05 21.35 -2.70
CA THR A 86 19.72 20.12 -3.11
C THR A 86 19.09 18.89 -2.47
N ASP A 87 18.87 17.85 -3.29
CA ASP A 87 18.20 16.63 -2.85
C ASP A 87 16.92 16.94 -2.03
N SER A 88 16.21 17.99 -2.45
CA SER A 88 14.78 18.02 -2.21
C SER A 88 14.14 17.14 -3.28
N ILE A 89 13.26 16.23 -2.87
CA ILE A 89 12.48 15.44 -3.84
C ILE A 89 11.10 16.09 -3.93
N VAL A 90 10.75 16.50 -5.14
CA VAL A 90 9.54 17.26 -5.42
C VAL A 90 8.60 16.38 -6.24
N GLY A 91 7.42 16.10 -5.69
CA GLY A 91 6.42 15.38 -6.46
C GLY A 91 5.82 16.24 -7.56
N VAL A 92 5.50 15.61 -8.69
CA VAL A 92 4.82 16.30 -9.78
C VAL A 92 3.60 15.45 -10.15
N MET A 93 2.41 16.02 -9.94
CA MET A 93 1.14 15.37 -10.30
C MET A 93 0.44 16.29 -11.30
N MET A 94 0.68 16.07 -12.59
CA MET A 94 0.21 16.98 -13.63
C MET A 94 -0.19 16.20 -14.87
N GLU A 95 -1.08 16.81 -15.67
CA GLU A 95 -1.30 16.35 -17.03
C GLU A 95 -0.06 16.63 -17.86
N LYS A 96 0.24 15.73 -18.80
CA LYS A 96 1.29 16.04 -19.77
C LYS A 96 0.90 17.29 -20.56
N SER A 97 1.83 18.22 -20.68
CA SER A 97 1.53 19.55 -21.16
C SER A 97 2.84 20.32 -21.17
N ILE A 98 2.82 21.50 -21.80
CA ILE A 98 3.98 22.38 -21.72
C ILE A 98 4.30 22.68 -20.27
N GLU A 99 3.27 22.93 -19.46
CA GLU A 99 3.47 23.32 -18.08
C GLU A 99 4.15 22.21 -17.26
N ASN A 100 3.83 20.95 -17.57
CA ASN A 100 4.51 19.80 -16.96
C ASN A 100 6.02 19.88 -17.16
N VAL A 101 6.47 20.23 -18.37
CA VAL A 101 7.90 20.34 -18.64
C VAL A 101 8.49 21.57 -17.96
N ILE A 102 7.75 22.69 -17.95
CA ILE A 102 8.21 23.86 -17.18
C ILE A 102 8.50 23.45 -15.75
N ALA A 103 7.62 22.65 -15.16
CA ALA A 103 7.78 22.26 -13.76
C ALA A 103 9.03 21.41 -13.56
N ILE A 104 9.26 20.45 -14.45
CA ILE A 104 10.45 19.61 -14.34
C ILE A 104 11.72 20.44 -14.43
N LEU A 105 11.79 21.31 -15.44
CA LEU A 105 12.97 22.16 -15.58
C LEU A 105 13.16 23.06 -14.36
N ALA A 106 12.06 23.59 -13.81
CA ALA A 106 12.15 24.46 -12.65
C ALA A 106 12.68 23.73 -11.42
N VAL A 107 12.23 22.49 -11.20
CA VAL A 107 12.75 21.70 -10.08
C VAL A 107 14.25 21.52 -10.22
N LEU A 108 14.70 21.17 -11.43
CA LEU A 108 16.13 20.98 -11.64
C LEU A 108 16.90 22.27 -11.41
N LYS A 109 16.39 23.39 -11.92
CA LYS A 109 17.08 24.67 -11.75
C LYS A 109 17.13 25.09 -10.30
N ALA A 110 16.11 24.76 -9.51
CA ALA A 110 16.15 25.10 -8.09
C ALA A 110 17.11 24.21 -7.32
N GLY A 111 17.64 23.16 -7.94
CA GLY A 111 18.61 22.28 -7.32
C GLY A 111 18.05 20.97 -6.84
N GLY A 112 16.74 20.74 -7.02
CA GLY A 112 16.10 19.54 -6.52
C GLY A 112 15.97 18.45 -7.58
N ALA A 113 15.24 17.41 -7.21
CA ALA A 113 14.95 16.29 -8.09
C ALA A 113 13.45 16.08 -8.09
N TYR A 114 12.91 15.62 -9.21
CA TYR A 114 11.47 15.43 -9.28
C TYR A 114 11.11 13.95 -9.19
N VAL A 115 9.93 13.68 -8.62
CA VAL A 115 9.33 12.35 -8.68
C VAL A 115 8.02 12.46 -9.46
N PRO A 116 7.96 11.92 -10.68
CA PRO A 116 6.70 12.01 -11.45
C PRO A 116 5.69 11.00 -10.93
N ILE A 117 4.46 11.44 -10.74
CA ILE A 117 3.40 10.59 -10.22
C ILE A 117 2.26 10.68 -11.23
N ASP A 118 2.15 9.69 -12.12
CA ASP A 118 1.12 9.71 -13.15
C ASP A 118 -0.26 9.77 -12.50
N ILE A 119 -1.07 10.76 -12.91
CA ILE A 119 -2.37 10.95 -12.28
C ILE A 119 -3.36 9.85 -12.62
N GLU A 120 -3.01 8.91 -13.50
CA GLU A 120 -3.87 7.78 -13.80
C GLU A 120 -3.49 6.52 -13.03
N TYR A 121 -2.42 6.55 -12.25
CA TYR A 121 -2.16 5.48 -11.30
C TYR A 121 -3.35 5.32 -10.36
N PRO A 122 -3.59 4.12 -9.85
CA PRO A 122 -4.60 3.97 -8.80
C PRO A 122 -4.23 4.76 -7.55
N ARG A 123 -5.26 5.12 -6.79
CA ARG A 123 -5.05 5.94 -5.60
C ARG A 123 -4.10 5.28 -4.60
N ASP A 124 -4.20 3.95 -4.44
CA ASP A 124 -3.31 3.24 -3.53
C ASP A 124 -1.84 3.43 -3.92
N ARG A 125 -1.56 3.36 -5.23
CA ARG A 125 -0.18 3.50 -5.70
C ARG A 125 0.33 4.93 -5.52
N ILE A 126 -0.51 5.92 -5.81
CA ILE A 126 -0.13 7.31 -5.57
C ILE A 126 0.20 7.52 -4.10
N GLN A 127 -0.64 6.99 -3.22
CA GLN A 127 -0.39 7.17 -1.79
C GLN A 127 0.91 6.51 -1.37
N TYR A 128 1.20 5.33 -1.93
CA TYR A 128 2.45 4.66 -1.59
C TYR A 128 3.64 5.50 -2.00
N ILE A 129 3.62 6.04 -3.23
CA ILE A 129 4.74 6.83 -3.71
C ILE A 129 4.90 8.10 -2.89
N LEU A 130 3.80 8.78 -2.58
CA LEU A 130 3.91 9.98 -1.77
C LEU A 130 4.53 9.67 -0.41
N GLN A 131 4.06 8.59 0.24
CA GLN A 131 4.57 8.25 1.57
C GLN A 131 6.00 7.76 1.49
N ASP A 132 6.30 6.86 0.55
CA ASP A 132 7.65 6.32 0.46
C ASP A 132 8.68 7.41 0.16
N SER A 133 8.37 8.30 -0.79
CA SER A 133 9.32 9.34 -1.19
C SER A 133 9.49 10.39 -0.10
N GLN A 134 8.53 10.49 0.81
CA GLN A 134 8.57 11.48 1.88
C GLN A 134 8.61 12.91 1.34
N THR A 135 8.13 13.11 0.11
CA THR A 135 8.15 14.45 -0.47
C THR A 135 7.31 15.40 0.38
N LYS A 136 7.82 16.60 0.57
CA LYS A 136 7.14 17.64 1.33
C LYS A 136 6.49 18.68 0.43
N ILE A 137 6.63 18.56 -0.89
CA ILE A 137 6.04 19.55 -1.77
C ILE A 137 5.66 18.86 -3.08
N VAL A 138 4.42 19.07 -3.51
CA VAL A 138 3.89 18.48 -4.74
C VAL A 138 3.44 19.60 -5.65
N LEU A 139 3.88 19.55 -6.91
CA LEU A 139 3.48 20.50 -7.93
C LEU A 139 2.31 19.92 -8.72
N THR A 140 1.23 20.69 -8.85
CA THR A 140 0.05 20.17 -9.52
C THR A 140 -0.60 21.29 -10.31
N GLN A 141 -1.84 21.08 -10.73
CA GLN A 141 -2.58 22.07 -11.50
C GLN A 141 -4.04 22.00 -11.06
N LYS A 142 -4.82 23.00 -11.50
CA LYS A 142 -6.20 23.12 -11.07
C LYS A 142 -6.99 21.83 -11.31
N SER A 143 -6.84 21.25 -12.51
CA SER A 143 -7.63 20.08 -12.85
C SER A 143 -7.22 18.84 -12.06
N VAL A 144 -6.07 18.86 -11.40
CA VAL A 144 -5.58 17.73 -10.62
C VAL A 144 -5.68 17.97 -9.12
N SER A 145 -5.97 19.20 -8.70
CA SER A 145 -6.01 19.52 -7.28
C SER A 145 -6.93 18.57 -6.51
N GLN A 146 -8.09 18.24 -7.07
CA GLN A 146 -9.01 17.39 -6.32
C GLN A 146 -8.43 16.02 -6.08
N LEU A 147 -7.68 15.48 -7.06
CA LEU A 147 -7.03 14.18 -6.86
C LEU A 147 -5.98 14.27 -5.76
N VAL A 148 -5.21 15.36 -5.72
CA VAL A 148 -4.25 15.54 -4.64
C VAL A 148 -4.97 15.55 -3.29
N HIS A 149 -6.14 16.20 -3.23
CA HIS A 149 -6.95 16.18 -2.00
C HIS A 149 -7.38 14.76 -1.67
N ASP A 150 -7.87 14.05 -2.68
CA ASP A 150 -8.49 12.75 -2.44
C ASP A 150 -7.47 11.66 -2.08
N VAL A 151 -6.21 11.82 -2.47
CA VAL A 151 -5.18 10.91 -1.94
C VAL A 151 -4.69 11.33 -0.57
N GLY A 152 -5.21 12.43 -0.02
CA GLY A 152 -4.92 12.81 1.35
C GLY A 152 -3.57 13.43 1.61
N TYR A 153 -2.92 13.96 0.58
CA TYR A 153 -1.58 14.48 0.76
C TYR A 153 -1.58 15.68 1.70
N SER A 154 -0.73 15.64 2.74
CA SER A 154 -0.71 16.68 3.76
C SER A 154 0.47 17.65 3.65
N GLY A 155 1.34 17.49 2.66
CA GLY A 155 2.44 18.41 2.46
C GLY A 155 1.99 19.66 1.72
N GLU A 156 2.97 20.43 1.29
CA GLU A 156 2.71 21.64 0.53
C GLU A 156 2.28 21.30 -0.89
N VAL A 157 1.22 21.97 -1.37
CA VAL A 157 0.69 21.75 -2.70
C VAL A 157 0.76 23.05 -3.46
N VAL A 158 1.51 23.07 -4.55
CA VAL A 158 1.64 24.24 -5.39
C VAL A 158 0.77 24.02 -6.61
N VAL A 159 -0.31 24.79 -6.74
CA VAL A 159 -1.19 24.72 -7.90
C VAL A 159 -0.62 25.70 -8.92
N LEU A 160 0.07 25.18 -9.93
CA LEU A 160 0.95 26.01 -10.74
C LEU A 160 0.16 27.04 -11.55
N ASP A 161 -1.02 26.67 -12.05
CA ASP A 161 -1.80 27.62 -12.83
C ASP A 161 -2.65 28.54 -11.96
N GLU A 162 -2.38 28.56 -10.65
CA GLU A 162 -2.87 29.61 -9.77
C GLU A 162 -1.77 30.51 -9.25
N GLU A 163 -0.51 30.10 -9.36
CA GLU A 163 0.61 30.92 -8.93
C GLU A 163 0.80 32.09 -9.90
N GLN A 164 1.16 33.24 -9.35
CA GLN A 164 1.48 34.41 -10.15
C GLN A 164 3.00 34.45 -10.30
N LEU A 165 3.48 34.16 -11.51
CA LEU A 165 4.90 34.03 -11.77
C LEU A 165 5.41 35.01 -12.80
N ASP A 166 4.52 35.64 -13.57
CA ASP A 166 4.95 36.45 -14.72
C ASP A 166 5.84 37.61 -14.31
N ALA A 167 5.68 38.12 -13.09
CA ALA A 167 6.45 39.27 -12.65
C ALA A 167 7.85 38.89 -12.18
N ARG A 168 8.13 37.61 -11.98
CA ARG A 168 9.40 37.22 -11.40
C ARG A 168 10.53 37.38 -12.42
N GLU A 169 11.74 37.51 -11.88
CA GLU A 169 12.94 37.60 -12.71
C GLU A 169 13.06 36.36 -13.59
N THR A 170 13.54 36.56 -14.82
CA THR A 170 13.61 35.49 -15.81
C THR A 170 15.01 35.00 -16.10
N ALA A 171 16.04 35.63 -15.55
CA ALA A 171 17.41 35.19 -15.78
C ALA A 171 17.66 33.82 -15.16
N ASN A 172 18.68 33.12 -15.68
CA ASN A 172 19.09 31.85 -15.09
C ASN A 172 19.51 32.06 -13.63
N LEU A 173 19.32 31.01 -12.82
CA LEU A 173 19.56 31.11 -11.38
C LEU A 173 21.01 30.82 -10.97
N HIS A 174 21.67 29.87 -11.64
CA HIS A 174 23.04 29.49 -11.27
C HIS A 174 23.14 29.02 -9.81
N GLN A 175 22.16 28.21 -9.37
CA GLN A 175 22.28 27.56 -8.07
C GLN A 175 23.45 26.59 -8.07
N PRO A 176 24.01 26.29 -6.89
CA PRO A 176 25.09 25.29 -6.84
C PRO A 176 24.59 23.94 -7.30
N SER A 177 25.45 23.21 -7.98
CA SER A 177 25.04 21.93 -8.52
C SER A 177 26.26 21.08 -8.82
N LYS A 178 26.11 19.78 -8.68
CA LYS A 178 27.14 18.81 -9.05
C LYS A 178 26.49 17.77 -9.93
N PRO A 179 27.23 17.18 -10.88
CA PRO A 179 26.65 16.10 -11.68
C PRO A 179 26.17 14.92 -10.85
N THR A 180 26.67 14.75 -9.63
CA THR A 180 26.23 13.65 -8.77
C THR A 180 24.96 13.98 -8.00
N ASP A 181 24.43 15.19 -8.12
CA ASP A 181 23.15 15.53 -7.50
C ASP A 181 22.04 14.68 -8.12
N LEU A 182 21.02 14.37 -7.31
CA LEU A 182 19.83 13.72 -7.85
C LEU A 182 19.13 14.59 -8.87
N ALA A 183 18.66 13.95 -9.94
CA ALA A 183 17.81 14.59 -10.92
C ALA A 183 16.38 14.11 -10.85
N TYR A 184 16.17 12.81 -10.70
CA TYR A 184 14.80 12.31 -10.61
C TYR A 184 14.77 10.99 -9.85
N VAL A 185 13.61 10.70 -9.28
CA VAL A 185 13.33 9.44 -8.62
C VAL A 185 12.12 8.85 -9.30
N ILE A 186 12.29 7.73 -9.98
CA ILE A 186 11.20 7.10 -10.73
C ILE A 186 10.89 5.75 -10.08
N TYR A 187 9.60 5.51 -9.82
CA TYR A 187 9.19 4.31 -9.12
C TYR A 187 8.90 3.20 -10.11
N THR A 188 9.37 1.98 -9.78
CA THR A 188 9.09 0.77 -10.53
C THR A 188 8.63 -0.33 -9.56
N SER A 189 8.04 -1.38 -10.13
CA SER A 189 7.72 -2.57 -9.34
C SER A 189 8.32 -3.83 -9.95
N GLY A 193 7.86 -7.52 -5.47
CA GLY A 193 7.80 -6.72 -4.26
C GLY A 193 7.06 -5.40 -4.43
N LYS A 194 7.31 -4.47 -3.50
CA LYS A 194 6.68 -3.16 -3.56
C LYS A 194 7.41 -2.26 -4.56
N PRO A 195 6.76 -1.18 -5.00
CA PRO A 195 7.46 -0.24 -5.88
C PRO A 195 8.67 0.35 -5.17
N LYS A 196 9.73 0.57 -5.93
CA LYS A 196 10.94 1.14 -5.34
C LYS A 196 11.35 2.38 -6.10
N GLY A 197 11.75 3.41 -5.36
CA GLY A 197 12.15 4.66 -5.96
C GLY A 197 13.57 4.61 -6.46
N THR A 198 13.75 4.62 -7.78
CA THR A 198 15.08 4.48 -8.36
C THR A 198 15.67 5.87 -8.51
N MET A 199 16.84 6.09 -7.91
CA MET A 199 17.43 7.42 -7.76
C MET A 199 18.46 7.66 -8.88
N LEU A 200 18.16 8.59 -9.79
CA LEU A 200 19.06 8.88 -10.91
C LEU A 200 19.66 10.26 -10.77
N GLU A 201 20.97 10.38 -11.03
CA GLU A 201 21.70 11.64 -10.93
C GLU A 201 21.79 12.33 -12.29
N HIS A 202 22.24 13.59 -12.27
CA HIS A 202 22.35 14.37 -13.51
C HIS A 202 23.32 13.75 -14.52
N LYS A 203 24.39 13.12 -14.02
CA LYS A 203 25.49 12.73 -14.91
C LYS A 203 25.02 11.76 -16.01
N GLY A 204 24.12 10.85 -15.67
CA GLY A 204 23.64 9.90 -16.67
C GLY A 204 22.97 10.58 -17.85
N ILE A 205 22.19 11.63 -17.58
CA ILE A 205 21.52 12.35 -18.65
C ILE A 205 22.51 13.19 -19.46
N ALA A 206 23.52 13.77 -18.79
CA ALA A 206 24.58 14.45 -19.53
C ALA A 206 25.26 13.51 -20.50
N ASN A 207 25.54 12.28 -20.07
CA ASN A 207 26.11 11.30 -20.99
C ASN A 207 25.14 11.01 -22.13
N LEU A 208 23.84 10.90 -21.84
CA LEU A 208 22.89 10.62 -22.91
C LEU A 208 22.81 11.75 -23.93
N GLN A 209 22.97 13.02 -23.52
CA GLN A 209 23.02 14.08 -24.53
C GLN A 209 24.05 13.75 -25.60
N SER A 210 25.25 13.38 -25.15
CA SER A 210 26.34 13.07 -26.06
C SER A 210 26.04 11.80 -26.87
N PHE A 211 25.47 10.79 -26.21
CA PHE A 211 25.08 9.56 -26.92
C PHE A 211 24.10 9.87 -28.04
N PHE A 212 23.06 10.65 -27.75
CA PHE A 212 22.06 10.97 -28.79
C PHE A 212 22.69 11.71 -29.95
N GLN A 213 23.58 12.66 -29.66
CA GLN A 213 24.20 13.43 -30.74
C GLN A 213 25.18 12.57 -31.54
N ASN A 214 25.96 11.72 -30.87
CA ASN A 214 26.93 10.87 -31.58
C ASN A 214 26.24 9.76 -32.37
N SER A 215 25.31 9.06 -31.73
CA SER A 215 24.78 7.82 -32.27
C SER A 215 23.54 8.01 -33.12
N PHE A 216 22.73 9.03 -32.83
CA PHE A 216 21.54 9.31 -33.63
C PHE A 216 21.70 10.57 -34.45
N GLY A 217 22.77 11.33 -34.24
CA GLY A 217 22.95 12.55 -35.01
C GLY A 217 21.88 13.58 -34.75
N VAL A 218 21.33 13.60 -33.54
CA VAL A 218 20.29 14.57 -33.22
C VAL A 218 20.85 15.98 -33.39
N THR A 219 20.08 16.83 -34.05
CA THR A 219 20.38 18.25 -34.19
C THR A 219 19.17 19.08 -33.84
N GLU A 220 19.39 20.40 -33.80
CA GLU A 220 18.28 21.31 -33.52
C GLU A 220 17.18 21.24 -34.58
N GLN A 221 17.48 20.67 -35.76
CA GLN A 221 16.46 20.54 -36.79
C GLN A 221 15.46 19.42 -36.49
N ASP A 222 15.80 18.51 -35.59
CA ASP A 222 14.91 17.39 -35.34
C ASP A 222 13.63 17.83 -34.62
N ARG A 223 12.58 17.05 -34.85
CA ARG A 223 11.27 17.22 -34.22
C ARG A 223 10.92 15.90 -33.59
N ILE A 224 10.85 15.87 -32.27
CA ILE A 224 10.84 14.61 -31.52
C ILE A 224 9.52 14.47 -30.79
N GLY A 225 8.86 13.33 -30.97
CA GLY A 225 7.61 13.10 -30.27
C GLY A 225 7.86 12.62 -28.85
N LEU A 226 6.94 12.98 -27.95
CA LEU A 226 6.92 12.45 -26.58
C LEU A 226 5.64 11.64 -26.43
N PHE A 227 5.80 10.32 -26.27
CA PHE A 227 4.72 9.35 -26.22
C PHE A 227 4.49 8.78 -24.83
N ALA A 228 5.57 8.48 -24.11
CA ALA A 228 5.45 7.75 -22.85
C ALA A 228 4.93 8.61 -21.69
N SER A 229 4.31 7.93 -20.72
CA SER A 229 3.98 8.56 -19.44
C SER A 229 5.21 9.19 -18.82
N MET A 230 5.02 10.33 -18.13
CA MET A 230 6.16 10.92 -17.44
C MET A 230 6.63 10.05 -16.27
N SER A 231 5.85 9.08 -15.84
CA SER A 231 6.27 8.16 -14.79
C SER A 231 7.05 6.96 -15.34
N PHE A 232 7.24 6.89 -16.65
CA PHE A 232 8.01 5.85 -17.31
C PHE A 232 9.28 6.50 -17.84
N ASP A 233 10.47 5.92 -17.54
CA ASP A 233 11.69 6.69 -17.82
C ASP A 233 11.96 6.83 -19.31
N VAL A 234 11.23 6.14 -20.18
CA VAL A 234 11.33 6.46 -21.61
C VAL A 234 11.07 7.95 -21.84
N SER A 235 10.12 8.52 -21.08
CA SER A 235 9.79 9.93 -21.27
C SER A 235 10.96 10.85 -20.94
N VAL A 236 11.83 10.45 -20.00
CA VAL A 236 13.02 11.24 -19.68
C VAL A 236 13.94 11.29 -20.89
N SER A 237 14.19 10.12 -21.47
CA SER A 237 14.99 10.01 -22.69
C SER A 237 14.42 10.90 -23.78
N GLU A 238 13.11 10.78 -24.02
CA GLU A 238 12.46 11.53 -25.10
C GLU A 238 12.58 13.03 -24.87
N MET A 239 12.22 13.49 -23.67
CA MET A 239 12.25 14.92 -23.36
C MET A 239 13.64 15.50 -23.56
N PHE A 240 14.66 14.85 -23.00
CA PHE A 240 16.00 15.45 -23.06
C PHE A 240 16.72 15.15 -24.36
N MET A 241 16.30 14.12 -25.11
CA MET A 241 16.78 13.98 -26.48
C MET A 241 16.50 15.25 -27.28
N ALA A 242 15.32 15.83 -27.09
CA ALA A 242 15.00 17.09 -27.77
C ALA A 242 15.68 18.27 -27.08
N LEU A 243 15.43 18.46 -25.78
CA LEU A 243 15.71 19.75 -25.17
C LEU A 243 17.18 19.97 -24.88
N LEU A 244 18.00 18.92 -24.84
CA LEU A 244 19.43 19.09 -24.70
C LEU A 244 20.14 19.12 -26.04
N SER A 245 19.39 19.20 -27.14
CA SER A 245 19.99 19.30 -28.45
C SER A 245 19.47 20.47 -29.26
N GLY A 246 18.55 21.26 -28.72
CA GLY A 246 18.00 22.35 -29.49
C GLY A 246 16.86 21.97 -30.40
N ALA A 247 16.45 20.70 -30.40
CA ALA A 247 15.35 20.20 -31.20
C ALA A 247 14.02 20.55 -30.54
N SER A 248 12.92 20.30 -31.25
CA SER A 248 11.60 20.58 -30.71
C SER A 248 10.95 19.32 -30.18
N LEU A 249 10.24 19.45 -29.06
CA LEU A 249 9.58 18.33 -28.39
C LEU A 249 8.08 18.46 -28.58
N TYR A 250 7.47 17.51 -29.29
CA TYR A 250 6.03 17.51 -29.52
C TYR A 250 5.37 16.55 -28.54
N ILE A 251 4.67 17.08 -27.55
CA ILE A 251 3.99 16.26 -26.56
C ILE A 251 2.69 15.76 -27.19
N LEU A 252 2.57 14.45 -27.39
CA LEU A 252 1.39 13.88 -28.00
C LEU A 252 0.21 13.85 -27.02
N SER A 253 -0.96 14.24 -27.50
CA SER A 253 -2.16 14.22 -26.65
C SER A 253 -2.73 12.81 -26.54
N LYS A 254 -3.58 12.63 -25.53
CA LYS A 254 -4.19 11.31 -25.32
C LYS A 254 -5.03 10.91 -26.51
N GLN A 255 -5.74 11.88 -27.11
CA GLN A 255 -6.55 11.62 -28.28
C GLN A 255 -5.69 11.16 -29.45
N THR A 256 -4.54 11.79 -29.63
CA THR A 256 -3.64 11.41 -30.71
C THR A 256 -3.11 9.99 -30.52
N ILE A 257 -2.72 9.66 -29.28
CA ILE A 257 -2.20 8.31 -29.00
C ILE A 257 -3.28 7.24 -29.13
N HIS A 258 -4.53 7.58 -28.78
CA HIS A 258 -5.59 6.58 -28.70
C HIS A 258 -6.06 6.09 -30.07
N ASP A 259 -5.73 6.79 -31.14
CA ASP A 259 -6.21 6.48 -32.47
C ASP A 259 -5.01 6.35 -33.40
N PHE A 260 -4.78 5.16 -33.94
CA PHE A 260 -3.58 4.93 -34.76
C PHE A 260 -3.54 5.86 -35.97
N ALA A 261 -4.68 6.10 -36.62
CA ALA A 261 -4.66 6.99 -37.77
C ALA A 261 -4.37 8.43 -37.34
N ALA A 262 -4.91 8.85 -36.19
CA ALA A 262 -4.62 10.19 -35.68
C ALA A 262 -3.14 10.33 -35.34
N PHE A 263 -2.55 9.27 -34.78
CA PHE A 263 -1.11 9.24 -34.51
C PHE A 263 -0.31 9.44 -35.79
N GLU A 264 -0.60 8.65 -36.82
CA GLU A 264 0.11 8.79 -38.09
C GLU A 264 -0.08 10.18 -38.70
N HIS A 265 -1.31 10.69 -38.68
CA HIS A 265 -1.55 12.01 -39.24
C HIS A 265 -0.77 13.09 -38.49
N TYR A 266 -0.72 12.99 -37.16
CA TYR A 266 0.00 13.99 -36.37
C TYR A 266 1.49 13.98 -36.69
N LEU A 267 2.09 12.78 -36.74
CA LEU A 267 3.51 12.68 -37.09
C LEU A 267 3.77 13.24 -38.47
N SER A 268 2.88 12.99 -39.42
CA SER A 268 3.15 13.42 -40.79
C SER A 268 2.94 14.92 -40.95
N GLU A 269 1.83 15.44 -40.41
CA GLU A 269 1.52 16.85 -40.58
C GLU A 269 2.57 17.73 -39.90
N ASN A 270 3.12 17.27 -38.78
CA ASN A 270 4.13 18.02 -38.06
C ASN A 270 5.54 17.60 -38.42
N GLU A 271 5.68 16.66 -39.37
CA GLU A 271 6.98 16.28 -39.91
C GLU A 271 7.94 15.87 -38.78
N LEU A 272 7.42 15.08 -37.84
CA LEU A 272 8.27 14.55 -36.78
C LEU A 272 9.33 13.64 -37.38
N THR A 273 10.55 13.73 -36.84
CA THR A 273 11.69 13.00 -37.37
C THR A 273 12.15 11.86 -36.48
N ILE A 274 11.85 11.88 -35.18
CA ILE A 274 12.26 10.83 -34.26
C ILE A 274 11.12 10.51 -33.32
N ILE A 275 10.88 9.23 -33.07
CA ILE A 275 9.91 8.81 -32.06
C ILE A 275 10.42 7.51 -31.43
N THR A 276 10.11 7.33 -30.14
CA THR A 276 10.32 6.09 -29.41
C THR A 276 8.97 5.50 -29.08
N LEU A 277 8.80 4.19 -29.31
CA LEU A 277 7.52 3.53 -29.08
C LEU A 277 7.71 2.17 -28.44
N PRO A 278 6.72 1.69 -27.68
CA PRO A 278 6.65 0.26 -27.38
C PRO A 278 6.43 -0.51 -28.66
N PRO A 279 7.05 -1.68 -28.82
CA PRO A 279 6.79 -2.49 -30.03
C PRO A 279 5.34 -2.85 -30.20
N THR A 280 4.61 -3.03 -29.10
CA THR A 280 3.20 -3.40 -29.18
C THR A 280 2.36 -2.28 -29.80
N TYR A 281 2.81 -1.03 -29.71
CA TYR A 281 2.13 0.04 -30.42
C TYR A 281 2.57 0.09 -31.87
N LEU A 282 3.88 0.00 -32.11
CA LEU A 282 4.41 0.07 -33.46
C LEU A 282 3.78 -0.99 -34.39
N THR A 283 3.47 -2.18 -33.85
CA THR A 283 2.93 -3.24 -34.70
C THR A 283 1.62 -2.86 -35.37
N HIS A 284 0.91 -1.86 -34.85
CA HIS A 284 -0.37 -1.45 -35.43
C HIS A 284 -0.25 -0.30 -36.42
N LEU A 285 0.95 0.23 -36.64
CA LEU A 285 1.14 1.38 -37.50
C LEU A 285 1.47 0.97 -38.93
N THR A 286 1.17 1.88 -39.86
CA THR A 286 1.34 1.69 -41.30
C THR A 286 2.52 2.52 -41.76
N PRO A 287 3.61 1.92 -42.23
CA PRO A 287 4.76 2.74 -42.66
C PRO A 287 4.40 3.77 -43.71
N GLU A 288 3.51 3.41 -44.64
CA GLU A 288 3.13 4.32 -45.71
C GLU A 288 2.33 5.53 -45.25
N ARG A 289 1.94 5.59 -43.97
CA ARG A 289 1.19 6.72 -43.45
C ARG A 289 2.04 7.62 -42.56
N ILE A 290 3.33 7.36 -42.44
CA ILE A 290 4.23 8.23 -41.68
C ILE A 290 5.27 8.79 -42.66
N THR A 291 5.28 10.11 -42.82
CA THR A 291 6.00 10.73 -43.94
C THR A 291 7.43 11.13 -43.62
N SER A 292 7.77 11.42 -42.36
CA SER A 292 8.98 12.19 -42.12
C SER A 292 9.95 11.59 -41.11
N LEU A 293 9.64 10.42 -40.53
CA LEU A 293 10.53 9.87 -39.52
C LEU A 293 11.84 9.43 -40.16
N ARG A 294 12.95 9.79 -39.52
CA ARG A 294 14.24 9.24 -39.92
C ARG A 294 14.72 8.14 -38.96
N ILE A 295 14.21 8.13 -37.73
CA ILE A 295 14.54 7.12 -36.73
C ILE A 295 13.28 6.66 -36.03
N MET A 296 13.12 5.35 -35.90
CA MET A 296 12.13 4.72 -35.03
C MET A 296 12.88 3.91 -33.97
N ILE A 297 12.70 4.27 -32.69
CA ILE A 297 13.28 3.54 -31.57
C ILE A 297 12.17 2.74 -30.91
N THR A 298 12.39 1.45 -30.67
CA THR A 298 11.49 0.73 -29.78
C THR A 298 12.21 0.37 -28.49
N ALA A 299 11.46 0.36 -27.40
CA ALA A 299 12.05 0.13 -26.08
C ALA A 299 11.03 -0.55 -25.19
N GLY A 300 11.52 -1.23 -24.16
CA GLY A 300 10.68 -1.77 -23.10
C GLY A 300 10.36 -3.25 -23.23
N SER A 301 10.30 -3.77 -24.45
CA SER A 301 10.04 -5.18 -24.71
C SER A 301 10.62 -5.50 -26.08
N ALA A 302 10.60 -6.79 -26.44
CA ALA A 302 11.26 -7.23 -27.66
C ALA A 302 10.43 -6.94 -28.89
N SER A 303 11.09 -6.53 -29.97
CA SER A 303 10.46 -6.45 -31.28
C SER A 303 10.75 -7.74 -32.03
N SER A 304 9.74 -8.23 -32.73
CA SER A 304 9.94 -9.45 -33.52
C SER A 304 10.76 -9.13 -34.77
N ALA A 305 11.39 -10.17 -35.33
CA ALA A 305 12.07 -9.99 -36.60
C ALA A 305 11.15 -9.51 -37.71
N PRO A 306 9.93 -10.03 -37.87
CA PRO A 306 9.08 -9.50 -38.95
C PRO A 306 8.73 -8.03 -38.76
N LEU A 307 8.56 -7.58 -37.51
CA LEU A 307 8.31 -6.16 -37.26
C LEU A 307 9.52 -5.33 -37.69
N VAL A 308 10.72 -5.76 -37.27
CA VAL A 308 11.93 -5.04 -37.67
C VAL A 308 12.07 -5.03 -39.19
N ASN A 309 11.81 -6.17 -39.84
CA ASN A 309 11.95 -6.23 -41.29
C ASN A 309 10.97 -5.30 -41.98
N LYS A 310 9.81 -5.05 -41.38
CA LYS A 310 8.81 -4.16 -41.96
C LYS A 310 9.27 -2.70 -41.98
N TRP A 311 10.13 -2.31 -41.03
CA TRP A 311 10.50 -0.92 -40.85
C TRP A 311 11.96 -0.60 -41.18
N LYS A 312 12.86 -1.59 -41.17
CA LYS A 312 14.29 -1.26 -41.16
C LYS A 312 14.79 -0.69 -42.48
N ASP A 313 14.03 -0.87 -43.57
CA ASP A 313 14.42 -0.26 -44.84
C ASP A 313 13.68 1.05 -45.12
N LYS A 314 12.69 1.42 -44.32
CA LYS A 314 12.00 2.68 -44.49
C LYS A 314 12.64 3.80 -43.67
N LEU A 315 13.32 3.44 -42.59
CA LEU A 315 13.96 4.42 -41.71
C LEU A 315 15.02 3.66 -40.92
N ARG A 316 15.70 4.38 -40.02
CA ARG A 316 16.67 3.74 -39.13
C ARG A 316 15.92 3.17 -37.95
N TYR A 317 15.83 1.85 -37.87
CA TYR A 317 15.17 1.17 -36.77
C TYR A 317 16.20 0.89 -35.69
N ILE A 318 15.88 1.27 -34.45
CA ILE A 318 16.79 1.09 -33.33
C ILE A 318 16.06 0.37 -32.21
N ASN A 319 16.62 -0.77 -31.76
CA ASN A 319 16.13 -1.48 -30.59
C ASN A 319 16.93 -1.01 -29.38
N ALA A 320 16.26 -0.43 -28.39
CA ALA A 320 16.95 0.13 -27.24
C ALA A 320 16.56 -0.66 -25.99
N TYR A 321 17.56 -1.05 -25.22
CA TYR A 321 17.35 -1.89 -24.05
C TYR A 321 17.92 -1.21 -22.81
N GLY A 322 17.21 -1.35 -21.69
CA GLY A 322 17.81 -1.01 -20.42
C GLY A 322 16.82 -1.15 -19.31
N PRO A 323 17.33 -1.29 -18.09
CA PRO A 323 16.50 -1.20 -16.88
C PRO A 323 16.34 0.27 -16.48
N THR A 324 15.29 0.54 -15.68
CA THR A 324 15.17 1.89 -15.14
C THR A 324 16.42 2.28 -14.34
N GLU A 325 17.12 1.30 -13.81
CA GLU A 325 18.30 1.57 -12.99
C GLU A 325 19.47 2.17 -13.78
N CYS A 326 19.39 2.25 -15.12
CA CYS A 326 20.34 3.12 -15.81
C CYS A 326 19.73 3.82 -17.04
N LEU A 327 18.41 3.83 -17.15
CA LEU A 327 17.66 4.36 -18.29
C LEU A 327 17.87 3.50 -19.51
N VAL A 328 18.96 3.70 -20.25
CA VAL A 328 19.24 2.89 -21.44
C VAL A 328 20.66 2.37 -21.33
N ALA A 329 20.84 1.09 -21.65
CA ALA A 329 22.14 0.42 -21.51
C ALA A 329 22.74 0.00 -22.83
N THR A 330 21.93 -0.49 -23.77
CA THR A 330 22.44 -0.96 -25.06
C THR A 330 21.49 -0.51 -26.16
N ILE A 331 22.02 -0.45 -27.38
CA ILE A 331 21.16 -0.29 -28.55
C ILE A 331 21.65 -1.20 -29.68
N TRP A 332 20.71 -1.55 -30.54
CA TRP A 332 21.00 -2.22 -31.80
C TRP A 332 20.30 -1.45 -32.89
N GLU A 333 21.06 -0.79 -33.76
CA GLU A 333 20.48 -0.22 -34.97
C GLU A 333 20.54 -1.27 -36.06
N ALA A 334 19.38 -1.56 -36.67
CA ALA A 334 19.36 -2.55 -37.73
C ALA A 334 20.32 -2.09 -38.82
N PRO A 335 21.33 -2.88 -39.18
CA PRO A 335 22.28 -2.45 -40.21
C PRO A 335 21.55 -2.06 -41.49
N SER A 336 22.00 -0.96 -42.09
CA SER A 336 21.33 -0.41 -43.25
C SER A 336 21.66 -1.22 -44.50
N ASN A 337 20.69 -1.27 -45.42
CA ASN A 337 20.85 -1.91 -46.72
C ASN A 337 21.32 -3.35 -46.59
N GLN A 338 20.61 -4.12 -45.78
CA GLN A 338 20.88 -5.53 -45.60
C GLN A 338 19.60 -6.31 -45.83
N LEU A 339 19.75 -7.60 -46.14
CA LEU A 339 18.60 -8.48 -46.31
C LEU A 339 17.90 -8.67 -44.98
N SER A 340 16.77 -9.38 -45.01
CA SER A 340 15.95 -9.59 -43.82
C SER A 340 16.78 -10.19 -42.68
N VAL A 341 16.42 -9.80 -41.44
CA VAL A 341 17.01 -10.41 -40.26
C VAL A 341 16.06 -11.50 -39.76
N GLN A 342 16.65 -12.48 -39.08
CA GLN A 342 15.89 -13.57 -38.47
C GLN A 342 15.85 -13.48 -36.96
N SER A 343 16.56 -12.52 -36.37
CA SER A 343 16.53 -12.28 -34.93
C SER A 343 16.93 -10.84 -34.68
N VAL A 344 16.64 -10.38 -33.46
CA VAL A 344 16.78 -8.96 -33.14
C VAL A 344 17.59 -8.81 -31.86
N PRO A 345 18.90 -8.56 -31.98
CA PRO A 345 19.73 -8.38 -30.78
C PRO A 345 19.32 -7.11 -30.05
N ILE A 346 19.70 -7.04 -28.77
CA ILE A 346 19.67 -5.75 -28.07
C ILE A 346 20.98 -4.97 -28.25
N GLY A 347 21.97 -5.54 -28.93
CA GLY A 347 23.07 -4.75 -29.47
C GLY A 347 24.28 -4.66 -28.56
N LYS A 348 24.81 -3.45 -28.41
CA LYS A 348 26.07 -3.20 -27.72
C LYS A 348 25.90 -2.08 -26.72
N PRO A 349 26.73 -2.05 -25.69
CA PRO A 349 26.61 -0.99 -24.68
C PRO A 349 26.77 0.39 -25.32
N ILE A 350 25.99 1.35 -24.81
CA ILE A 350 26.14 2.72 -25.24
C ILE A 350 27.40 3.31 -24.62
N GLN A 351 27.79 4.48 -25.08
CA GLN A 351 29.03 5.09 -24.63
C GLN A 351 29.07 5.19 -23.10
N ASN A 352 30.25 4.95 -22.55
CA ASN A 352 30.53 5.12 -21.12
C ASN A 352 29.69 4.20 -20.26
N THR A 353 29.26 3.08 -20.86
CA THR A 353 28.49 2.04 -20.21
C THR A 353 29.14 0.70 -20.52
N HIS A 354 29.05 -0.24 -19.58
CA HIS A 354 29.70 -1.53 -19.74
C HIS A 354 28.72 -2.63 -19.39
N ILE A 355 28.75 -3.71 -20.17
CA ILE A 355 27.88 -4.87 -19.96
C ILE A 355 28.77 -6.04 -19.58
N TYR A 356 28.36 -6.77 -18.54
CA TYR A 356 29.00 -8.01 -18.13
C TYR A 356 27.94 -9.10 -18.10
N ILE A 357 28.19 -10.22 -18.76
CA ILE A 357 27.27 -11.35 -18.72
C ILE A 357 27.93 -12.42 -17.87
N VAL A 358 27.32 -12.73 -16.74
CA VAL A 358 28.02 -13.47 -15.68
C VAL A 358 27.14 -14.60 -15.14
N ASN A 359 27.78 -15.56 -14.47
CA ASN A 359 27.04 -16.60 -13.79
C ASN A 359 26.67 -16.12 -12.38
N GLU A 360 26.13 -17.03 -11.56
CA GLU A 360 25.66 -16.67 -10.23
C GLU A 360 26.80 -16.19 -9.33
N ASP A 361 28.03 -16.58 -9.63
CA ASP A 361 29.19 -16.14 -8.86
C ASP A 361 29.85 -14.91 -9.46
N LEU A 362 29.16 -14.21 -10.38
CA LEU A 362 29.67 -13.00 -11.02
C LEU A 362 30.96 -13.26 -11.80
N GLN A 363 31.10 -14.47 -12.33
CA GLN A 363 32.21 -14.79 -13.23
C GLN A 363 31.79 -14.59 -14.68
N LEU A 364 32.69 -14.03 -15.48
CA LEU A 364 32.38 -13.74 -16.88
C LEU A 364 32.20 -15.01 -17.70
N LEU A 365 31.23 -14.98 -18.57
CA LEU A 365 30.98 -16.14 -19.41
C LEU A 365 31.48 -15.92 -20.83
N PRO A 366 31.91 -16.99 -21.49
CA PRO A 366 32.37 -16.87 -22.88
C PRO A 366 31.19 -16.72 -23.84
N THR A 367 31.51 -16.39 -25.09
CA THR A 367 30.48 -16.20 -26.10
C THR A 367 29.57 -17.42 -26.18
N GLY A 368 28.27 -17.18 -26.28
CA GLY A 368 27.29 -18.22 -26.42
C GLY A 368 26.72 -18.75 -25.12
N SER A 369 27.37 -18.47 -24.00
CA SER A 369 26.89 -18.96 -22.71
C SER A 369 25.89 -17.97 -22.12
N GLU A 370 24.76 -18.47 -21.65
CA GLU A 370 23.72 -17.62 -21.11
C GLU A 370 24.01 -17.26 -19.66
N GLY A 371 23.86 -15.98 -19.31
CA GLY A 371 24.04 -15.56 -17.94
C GLY A 371 23.27 -14.31 -17.63
N GLU A 372 23.49 -13.76 -16.44
CA GLU A 372 22.81 -12.52 -16.04
C GLU A 372 23.50 -11.31 -16.64
N LEU A 373 22.70 -10.44 -17.26
CA LEU A 373 23.23 -9.17 -17.75
C LEU A 373 23.40 -8.21 -16.58
N CYS A 374 24.63 -7.75 -16.37
CA CYS A 374 24.97 -6.77 -15.36
C CYS A 374 25.56 -5.53 -16.02
N ILE A 375 25.34 -4.36 -15.40
CA ILE A 375 25.65 -3.10 -16.05
C ILE A 375 26.50 -2.23 -15.14
N GLY A 376 27.57 -1.66 -15.69
CA GLY A 376 28.27 -0.59 -15.01
C GLY A 376 28.29 0.65 -15.89
N GLY A 377 28.55 1.80 -15.32
CA GLY A 377 28.77 2.96 -16.16
C GLY A 377 28.26 4.24 -15.53
N VAL A 378 28.40 5.32 -16.31
CA VAL A 378 28.17 6.65 -15.76
C VAL A 378 26.69 6.90 -15.48
N GLY A 379 25.79 6.17 -16.13
CA GLY A 379 24.37 6.37 -15.94
C GLY A 379 23.72 5.50 -14.89
N LEU A 380 24.50 4.72 -14.13
CA LEU A 380 23.92 3.88 -13.09
C LEU A 380 23.24 4.71 -12.02
N ALA A 381 22.06 4.27 -11.60
CA ALA A 381 21.36 4.90 -10.48
C ALA A 381 22.23 4.85 -9.22
N ARG A 382 21.94 5.80 -8.33
CA ARG A 382 22.57 5.80 -7.02
C ARG A 382 22.10 4.61 -6.18
N GLY A 383 20.88 4.16 -6.40
CA GLY A 383 20.28 3.05 -5.68
C GLY A 383 18.79 3.26 -5.57
N TYR A 384 18.20 2.62 -4.56
CA TYR A 384 16.77 2.71 -4.29
C TYR A 384 16.53 3.55 -3.05
N TRP A 385 15.58 4.48 -3.15
CA TRP A 385 15.28 5.40 -2.06
C TRP A 385 14.90 4.67 -0.77
N ASN A 386 15.69 4.90 0.28
CA ASN A 386 15.45 4.32 1.61
C ASN A 386 15.30 2.80 1.58
N ARG A 387 16.02 2.14 0.68
CA ARG A 387 16.08 0.68 0.61
C ARG A 387 17.54 0.25 0.63
N PRO A 388 18.22 0.40 1.77
CA PRO A 388 19.68 0.15 1.78
C PRO A 388 20.05 -1.30 1.53
N ASP A 389 19.31 -2.25 2.08
CA ASP A 389 19.65 -3.65 1.86
C ASP A 389 19.40 -4.06 0.41
N LEU A 390 18.22 -3.72 -0.13
CA LEU A 390 17.94 -4.01 -1.53
C LEU A 390 18.96 -3.36 -2.43
N THR A 391 19.34 -2.11 -2.13
CA THR A 391 20.35 -1.44 -2.93
C THR A 391 21.66 -2.23 -2.93
N ALA A 392 22.10 -2.66 -1.75
CA ALA A 392 23.36 -3.41 -1.67
C ALA A 392 23.27 -4.74 -2.41
N GLU A 393 22.07 -5.32 -2.47
CA GLU A 393 21.90 -6.60 -3.13
C GLU A 393 21.98 -6.46 -4.64
N LYS A 394 21.39 -5.39 -5.18
CA LYS A 394 21.29 -5.23 -6.63
C LYS A 394 22.40 -4.38 -7.23
N PHE A 395 22.93 -3.41 -6.49
CA PHE A 395 24.04 -2.57 -6.95
C PHE A 395 25.28 -3.05 -6.20
N VAL A 396 25.96 -4.04 -6.76
CA VAL A 396 27.04 -4.70 -6.06
C VAL A 396 28.36 -4.05 -6.42
N ASP A 397 29.39 -4.33 -5.62
CA ASP A 397 30.73 -3.92 -6.02
C ASP A 397 31.08 -4.52 -7.38
N ASN A 398 31.56 -3.68 -8.28
CA ASN A 398 31.92 -4.13 -9.62
C ASN A 398 33.21 -4.94 -9.52
N PRO A 399 33.18 -6.26 -9.75
CA PRO A 399 34.42 -7.05 -9.63
C PRO A 399 35.45 -6.67 -10.65
N PHE A 400 35.04 -6.05 -11.75
CA PHE A 400 35.90 -5.80 -12.90
C PHE A 400 36.47 -4.40 -12.93
N VAL A 401 35.84 -3.47 -12.20
CA VAL A 401 36.28 -2.08 -12.13
C VAL A 401 36.28 -1.72 -10.65
N PRO A 402 37.39 -1.95 -9.94
CA PRO A 402 37.39 -1.71 -8.49
C PRO A 402 36.96 -0.29 -8.14
N GLY A 403 36.16 -0.18 -7.08
CA GLY A 403 35.70 1.11 -6.63
C GLY A 403 34.37 1.56 -7.20
N GLU A 404 33.86 0.89 -8.22
CA GLU A 404 32.58 1.24 -8.81
C GLU A 404 31.54 0.17 -8.47
N LYS A 405 30.29 0.45 -8.85
CA LYS A 405 29.21 -0.49 -8.65
C LYS A 405 28.80 -1.10 -9.98
N MET A 406 28.07 -2.21 -9.88
CA MET A 406 27.52 -2.91 -11.04
C MET A 406 26.11 -3.35 -10.70
N TYR A 407 25.16 -3.10 -11.59
CA TYR A 407 23.76 -3.42 -11.34
C TYR A 407 23.41 -4.79 -11.92
N ARG A 408 22.80 -5.64 -11.09
CA ARG A 408 22.35 -6.96 -11.50
C ARG A 408 20.91 -6.86 -12.00
N THR A 409 20.71 -7.07 -13.31
CA THR A 409 19.40 -6.76 -13.89
C THR A 409 18.35 -7.83 -13.70
N GLY A 410 18.74 -9.07 -13.42
CA GLY A 410 17.78 -10.15 -13.49
C GLY A 410 17.41 -10.58 -14.90
N ASP A 411 18.00 -9.96 -15.93
CA ASP A 411 17.76 -10.35 -17.30
C ASP A 411 18.78 -11.40 -17.73
N LEU A 412 18.30 -12.36 -18.51
CA LEU A 412 19.13 -13.40 -19.10
C LEU A 412 19.60 -12.98 -20.49
N ALA A 413 20.86 -13.23 -20.80
CA ALA A 413 21.41 -12.77 -22.08
C ALA A 413 22.64 -13.58 -22.45
N LYS A 414 23.07 -13.44 -23.69
CA LYS A 414 24.34 -14.03 -24.10
C LYS A 414 24.99 -13.16 -25.15
N TRP A 415 26.31 -13.23 -25.23
CA TRP A 415 27.04 -12.60 -26.32
C TRP A 415 27.01 -13.45 -27.58
N LEU A 416 26.95 -12.78 -28.72
CA LEU A 416 27.25 -13.36 -30.02
C LEU A 416 28.69 -13.06 -30.42
N THR A 417 29.23 -13.86 -31.34
CA THR A 417 30.63 -13.64 -31.73
C THR A 417 30.85 -12.29 -32.43
N ASP A 418 29.81 -11.70 -33.03
CA ASP A 418 30.00 -10.38 -33.62
C ASP A 418 29.98 -9.27 -32.59
N GLY A 419 29.94 -9.61 -31.30
CA GLY A 419 30.01 -8.61 -30.25
C GLY A 419 28.69 -7.97 -29.90
N THR A 420 27.59 -8.46 -30.46
CA THR A 420 26.27 -7.99 -30.02
C THR A 420 25.70 -8.95 -28.99
N ILE A 421 24.69 -8.48 -28.27
CA ILE A 421 24.07 -9.22 -27.19
C ILE A 421 22.66 -9.63 -27.60
N GLU A 422 22.28 -10.87 -27.26
CA GLU A 422 20.92 -11.35 -27.41
C GLU A 422 20.24 -11.38 -26.05
N PHE A 423 19.06 -10.75 -25.97
CA PHE A 423 18.23 -10.79 -24.79
C PHE A 423 17.43 -12.09 -24.79
N LEU A 424 17.43 -12.78 -23.65
CA LEU A 424 16.85 -14.12 -23.60
C LEU A 424 15.73 -14.27 -22.60
N GLY A 425 15.29 -13.20 -21.96
CA GLY A 425 14.25 -13.27 -20.97
C GLY A 425 14.75 -12.96 -19.57
N ARG A 426 14.12 -13.52 -18.55
CA ARG A 426 14.47 -13.26 -17.17
C ARG A 426 15.16 -14.49 -16.57
N ILE A 427 16.11 -14.25 -15.66
CA ILE A 427 16.80 -15.35 -15.00
C ILE A 427 15.85 -15.98 -13.97
N LEU B 30 -29.94 -26.53 18.17
CA LEU B 30 -29.02 -25.45 18.56
C LEU B 30 -28.85 -25.36 20.07
N VAL B 31 -27.61 -25.20 20.51
CA VAL B 31 -27.39 -24.82 21.91
C VAL B 31 -28.09 -23.50 22.17
N PRO B 32 -28.91 -23.36 23.21
CA PRO B 32 -29.69 -22.13 23.36
C PRO B 32 -28.81 -20.90 23.42
N TYR B 33 -29.24 -19.86 22.72
CA TYR B 33 -28.70 -18.52 22.91
C TYR B 33 -29.82 -17.54 22.60
N ALA B 34 -29.53 -16.26 22.83
CA ALA B 34 -30.54 -15.22 22.60
C ALA B 34 -30.69 -14.98 21.09
N GLN B 35 -31.36 -15.92 20.44
CA GLN B 35 -31.71 -15.75 19.05
C GLN B 35 -32.62 -14.54 18.91
N GLY B 36 -32.52 -13.84 17.79
CA GLY B 36 -33.37 -12.70 17.59
C GLY B 36 -33.01 -11.46 18.38
N LYS B 37 -32.00 -11.49 19.25
CA LYS B 37 -31.60 -10.30 19.99
C LYS B 37 -30.33 -9.71 19.39
N SER B 38 -30.26 -8.39 19.38
CA SER B 38 -29.08 -7.67 18.91
C SER B 38 -28.10 -7.49 20.06
N ILE B 39 -26.87 -7.11 19.72
CA ILE B 39 -25.84 -6.91 20.74
C ILE B 39 -26.30 -5.86 21.75
N HIS B 40 -26.75 -4.69 21.25
CA HIS B 40 -27.14 -3.62 22.17
C HIS B 40 -28.38 -4.00 22.97
N GLN B 41 -29.28 -4.80 22.40
CA GLN B 41 -30.39 -5.33 23.19
C GLN B 41 -29.89 -6.17 24.36
N LEU B 42 -28.90 -7.05 24.11
CA LEU B 42 -28.34 -7.84 25.20
C LEU B 42 -27.65 -6.95 26.23
N PHE B 43 -26.94 -5.92 25.78
CA PHE B 43 -26.34 -4.98 26.71
C PHE B 43 -27.42 -4.26 27.53
N GLU B 44 -28.48 -3.80 26.87
CA GLU B 44 -29.58 -3.14 27.57
C GLU B 44 -30.22 -4.06 28.61
N GLU B 45 -30.31 -5.37 28.34
CA GLU B 45 -30.78 -6.30 29.37
C GLU B 45 -29.88 -6.28 30.59
N GLN B 46 -28.55 -6.28 30.38
CA GLN B 46 -27.65 -6.22 31.52
C GLN B 46 -27.81 -4.90 32.27
N ALA B 47 -28.00 -3.80 31.54
CA ALA B 47 -28.13 -2.50 32.19
C ALA B 47 -29.40 -2.41 33.00
N GLU B 48 -30.46 -3.07 32.55
CA GLU B 48 -31.69 -3.08 33.33
C GLU B 48 -31.55 -3.98 34.55
N ALA B 49 -30.87 -5.13 34.39
CA ALA B 49 -30.71 -6.04 35.52
C ALA B 49 -29.71 -5.54 36.55
N PHE B 50 -28.65 -4.85 36.12
CA PHE B 50 -27.53 -4.49 37.01
C PHE B 50 -27.20 -3.00 36.90
N PRO B 51 -28.19 -2.13 37.05
CA PRO B 51 -27.97 -0.71 36.72
C PRO B 51 -26.85 -0.06 37.53
N ASP B 52 -26.68 -0.44 38.79
CA ASP B 52 -25.73 0.19 39.69
C ASP B 52 -24.39 -0.53 39.75
N ARG B 53 -24.24 -1.66 39.06
CA ARG B 53 -22.95 -2.32 39.02
C ARG B 53 -21.99 -1.55 38.11
N VAL B 54 -20.70 -1.64 38.43
CA VAL B 54 -19.68 -1.04 37.60
C VAL B 54 -19.63 -1.77 36.26
N ALA B 55 -19.68 -0.99 35.17
CA ALA B 55 -19.56 -1.56 33.83
C ALA B 55 -18.17 -1.41 33.24
N ILE B 56 -17.51 -0.28 33.47
CA ILE B 56 -16.28 0.02 32.75
C ILE B 56 -15.38 0.90 33.61
N VAL B 57 -14.09 0.59 33.57
CA VAL B 57 -13.08 1.29 34.36
C VAL B 57 -11.93 1.66 33.42
N PHE B 58 -11.47 2.91 33.52
CA PHE B 58 -10.23 3.29 32.88
C PHE B 58 -9.50 4.23 33.82
N GLU B 59 -8.34 3.80 34.29
CA GLU B 59 -7.57 4.57 35.27
C GLU B 59 -8.48 4.99 36.42
N ASN B 60 -8.60 6.29 36.67
CA ASN B 60 -9.32 6.77 37.85
C ASN B 60 -10.80 7.04 37.58
N ARG B 61 -11.32 6.67 36.42
CA ARG B 61 -12.71 6.89 36.09
C ARG B 61 -13.44 5.57 35.88
N ARG B 62 -14.73 5.56 36.20
CA ARG B 62 -15.56 4.39 35.98
C ARG B 62 -17.00 4.85 35.77
N LEU B 63 -17.78 3.99 35.11
CA LEU B 63 -19.20 4.20 34.90
C LEU B 63 -19.98 2.96 35.30
N SER B 64 -21.15 3.17 35.89
CA SER B 64 -22.09 2.09 36.11
C SER B 64 -22.76 1.70 34.79
N TYR B 65 -23.44 0.54 34.81
CA TYR B 65 -24.17 0.12 33.62
C TYR B 65 -25.21 1.15 33.21
N GLN B 66 -25.96 1.67 34.18
CA GLN B 66 -26.96 2.69 33.88
C GLN B 66 -26.32 3.92 33.26
N GLU B 67 -25.22 4.39 33.84
CA GLU B 67 -24.55 5.58 33.31
C GLU B 67 -24.00 5.34 31.92
N LEU B 68 -23.37 4.18 31.70
CA LEU B 68 -22.84 3.88 30.38
C LEU B 68 -23.97 3.78 29.35
N ASN B 69 -25.06 3.11 29.72
CA ASN B 69 -26.18 2.96 28.80
C ASN B 69 -26.80 4.31 28.43
N ARG B 70 -26.99 5.17 29.43
CA ARG B 70 -27.61 6.47 29.18
C ARG B 70 -26.74 7.32 28.27
N LYS B 71 -25.44 7.37 28.55
CA LYS B 71 -24.54 8.13 27.68
C LYS B 71 -24.50 7.56 26.27
N ALA B 72 -24.51 6.24 26.13
CA ALA B 72 -24.53 5.64 24.80
C ALA B 72 -25.82 6.00 24.07
N ASN B 73 -26.95 6.04 24.80
CA ASN B 73 -28.22 6.43 24.18
C ASN B 73 -28.20 7.88 23.71
N GLN B 74 -27.61 8.78 24.51
CA GLN B 74 -27.55 10.18 24.10
C GLN B 74 -26.72 10.34 22.83
N LEU B 75 -25.57 9.66 22.74
CA LEU B 75 -24.77 9.75 21.53
C LEU B 75 -25.47 9.07 20.37
N ALA B 76 -26.17 7.96 20.64
CA ALA B 76 -26.87 7.26 19.57
C ALA B 76 -27.91 8.16 18.92
N ARG B 77 -28.64 8.94 19.72
CA ARG B 77 -29.62 9.87 19.15
C ARG B 77 -28.94 10.92 18.29
N ALA B 78 -27.75 11.37 18.69
CA ALA B 78 -27.01 12.32 17.87
C ALA B 78 -26.53 11.70 16.57
N LEU B 79 -26.17 10.40 16.59
CA LEU B 79 -25.74 9.73 15.37
C LEU B 79 -26.88 9.59 14.38
N LEU B 80 -28.09 9.34 14.88
CA LEU B 80 -29.25 9.22 14.00
C LEU B 80 -29.44 10.48 13.17
N GLU B 81 -29.30 11.64 13.80
CA GLU B 81 -29.45 12.90 13.09
C GLU B 81 -28.40 13.08 11.99
N LYS B 82 -27.37 12.25 11.96
CA LYS B 82 -26.29 12.39 11.00
C LYS B 82 -26.29 11.28 9.95
N GLY B 83 -27.34 10.47 9.91
CA GLY B 83 -27.55 9.53 8.84
C GLY B 83 -27.30 8.07 9.16
N VAL B 84 -26.95 7.74 10.40
CA VAL B 84 -26.65 6.35 10.74
C VAL B 84 -27.92 5.52 10.65
N GLN B 85 -27.85 4.42 9.91
CA GLN B 85 -28.97 3.48 9.80
C GLN B 85 -28.40 2.08 9.58
N THR B 86 -29.27 1.15 9.19
CA THR B 86 -28.87 -0.26 9.11
C THR B 86 -27.71 -0.45 8.14
N ASP B 87 -26.76 -1.29 8.55
CA ASP B 87 -25.57 -1.66 7.79
C ASP B 87 -24.69 -0.47 7.41
N SER B 88 -25.04 0.74 7.86
CA SER B 88 -24.15 1.88 7.71
C SER B 88 -22.90 1.68 8.57
N ILE B 89 -21.74 2.04 8.02
CA ILE B 89 -20.44 1.75 8.65
C ILE B 89 -19.88 3.05 9.21
N VAL B 90 -19.60 3.07 10.51
CA VAL B 90 -19.13 4.26 11.22
C VAL B 90 -17.70 4.01 11.68
N GLY B 91 -16.77 4.88 11.29
CA GLY B 91 -15.40 4.74 11.74
C GLY B 91 -15.21 5.25 13.16
N VAL B 92 -14.29 4.61 13.89
CA VAL B 92 -13.95 5.04 15.24
C VAL B 92 -12.44 5.18 15.32
N MET B 93 -11.96 6.41 15.49
CA MET B 93 -10.53 6.68 15.63
C MET B 93 -10.35 7.36 16.98
N MET B 94 -10.10 6.56 18.02
CA MET B 94 -10.02 7.08 19.38
C MET B 94 -8.96 6.32 20.15
N GLU B 95 -8.47 6.96 21.21
CA GLU B 95 -7.70 6.25 22.23
C GLU B 95 -8.64 5.33 23.02
N LYS B 96 -8.12 4.19 23.44
CA LYS B 96 -8.91 3.33 24.30
C LYS B 96 -9.23 4.07 25.59
N SER B 97 -10.50 4.03 25.98
CA SER B 97 -11.04 4.88 27.02
C SER B 97 -12.49 4.46 27.24
N ILE B 98 -13.07 4.98 28.31
CA ILE B 98 -14.51 4.80 28.51
C ILE B 98 -15.27 5.36 27.30
N GLU B 99 -14.86 6.54 26.83
CA GLU B 99 -15.55 7.19 25.71
C GLU B 99 -15.52 6.33 24.45
N ASN B 100 -14.42 5.59 24.24
CA ASN B 100 -14.32 4.69 23.10
C ASN B 100 -15.42 3.64 23.13
N VAL B 101 -15.74 3.12 24.32
CA VAL B 101 -16.79 2.11 24.41
C VAL B 101 -18.17 2.74 24.27
N ILE B 102 -18.34 3.96 24.81
CA ILE B 102 -19.60 4.67 24.60
C ILE B 102 -19.87 4.82 23.10
N ALA B 103 -18.83 5.17 22.33
CA ALA B 103 -18.98 5.34 20.89
C ALA B 103 -19.43 4.05 20.22
N ILE B 104 -18.79 2.93 20.56
CA ILE B 104 -19.14 1.65 19.96
C ILE B 104 -20.59 1.29 20.25
N LEU B 105 -21.01 1.39 21.52
CA LEU B 105 -22.38 1.07 21.89
C LEU B 105 -23.36 1.99 21.19
N ALA B 106 -23.04 3.28 21.09
CA ALA B 106 -23.91 4.22 20.40
C ALA B 106 -24.09 3.86 18.94
N VAL B 107 -23.02 3.47 18.24
CA VAL B 107 -23.17 3.07 16.85
C VAL B 107 -24.13 1.90 16.75
N LEU B 108 -23.96 0.91 17.63
CA LEU B 108 -24.85 -0.26 17.56
C LEU B 108 -26.29 0.14 17.84
N LYS B 109 -26.50 0.97 18.87
CA LYS B 109 -27.85 1.41 19.25
C LYS B 109 -28.53 2.21 18.15
N ALA B 110 -27.76 2.98 17.38
CA ALA B 110 -28.29 3.72 16.24
C ALA B 110 -28.62 2.82 15.06
N GLY B 111 -28.30 1.53 15.14
CA GLY B 111 -28.60 0.60 14.08
C GLY B 111 -27.46 0.35 13.12
N GLY B 112 -26.29 0.94 13.34
CA GLY B 112 -25.18 0.83 12.42
C GLY B 112 -24.13 -0.17 12.87
N ALA B 113 -23.03 -0.21 12.12
CA ALA B 113 -21.89 -1.06 12.42
C ALA B 113 -20.66 -0.17 12.58
N TYR B 114 -19.72 -0.58 13.44
CA TYR B 114 -18.54 0.24 13.63
C TYR B 114 -17.32 -0.39 12.96
N VAL B 115 -16.43 0.47 12.47
CA VAL B 115 -15.14 0.05 11.93
C VAL B 115 -14.05 0.67 12.81
N PRO B 116 -13.37 -0.12 13.62
CA PRO B 116 -12.29 0.44 14.45
C PRO B 116 -11.04 0.69 13.63
N ILE B 117 -10.38 1.81 13.91
CA ILE B 117 -9.19 2.24 13.19
C ILE B 117 -8.17 2.67 14.23
N ASP B 118 -7.22 1.79 14.56
CA ASP B 118 -6.23 2.11 15.59
C ASP B 118 -5.40 3.31 15.18
N ILE B 119 -5.28 4.28 16.08
CA ILE B 119 -4.62 5.54 15.73
C ILE B 119 -3.12 5.34 15.58
N GLU B 120 -2.64 4.13 15.87
CA GLU B 120 -1.22 3.78 15.77
C GLU B 120 -0.85 3.08 14.46
N TYR B 121 -1.83 2.76 13.61
CA TYR B 121 -1.52 2.22 12.30
C TYR B 121 -0.69 3.22 11.50
N PRO B 122 0.12 2.74 10.55
CA PRO B 122 0.77 3.66 9.61
C PRO B 122 -0.27 4.41 8.80
N ARG B 123 0.17 5.51 8.19
CA ARG B 123 -0.76 6.47 7.62
C ARG B 123 -1.53 5.87 6.45
N ASP B 124 -0.83 5.23 5.51
CA ASP B 124 -1.50 4.65 4.35
C ASP B 124 -2.43 3.51 4.75
N ARG B 125 -2.22 2.90 5.91
CA ARG B 125 -3.15 1.88 6.41
C ARG B 125 -4.44 2.50 6.91
N ILE B 126 -4.33 3.54 7.74
CA ILE B 126 -5.51 4.31 8.13
C ILE B 126 -6.25 4.79 6.89
N GLN B 127 -5.51 5.36 5.94
CA GLN B 127 -6.11 5.84 4.71
C GLN B 127 -6.84 4.71 3.98
N TYR B 128 -6.19 3.56 3.87
CA TYR B 128 -6.81 2.45 3.15
C TYR B 128 -8.14 2.05 3.78
N ILE B 129 -8.17 1.92 5.10
CA ILE B 129 -9.40 1.47 5.77
C ILE B 129 -10.50 2.49 5.60
N LEU B 130 -10.18 3.77 5.76
CA LEU B 130 -11.20 4.81 5.53
C LEU B 130 -11.75 4.73 4.13
N GLN B 131 -10.87 4.65 3.13
CA GLN B 131 -11.30 4.67 1.74
C GLN B 131 -12.05 3.40 1.37
N ASP B 132 -11.53 2.23 1.78
CA ASP B 132 -12.18 0.98 1.42
C ASP B 132 -13.56 0.86 2.06
N SER B 133 -13.67 1.26 3.33
CA SER B 133 -14.93 1.15 4.04
C SER B 133 -15.97 2.12 3.53
N GLN B 134 -15.54 3.21 2.89
CA GLN B 134 -16.43 4.26 2.40
C GLN B 134 -17.24 4.91 3.54
N THR B 135 -16.75 4.81 4.78
CA THR B 135 -17.50 5.37 5.89
C THR B 135 -17.68 6.88 5.71
N LYS B 136 -18.87 7.37 6.06
CA LYS B 136 -19.19 8.79 5.91
C LYS B 136 -19.09 9.56 7.21
N ILE B 137 -18.87 8.87 8.34
CA ILE B 137 -18.76 9.49 9.65
C ILE B 137 -17.62 8.82 10.40
N VAL B 138 -16.76 9.62 11.01
CA VAL B 138 -15.70 9.11 11.88
C VAL B 138 -15.89 9.74 13.25
N LEU B 139 -15.95 8.89 14.28
CA LEU B 139 -16.04 9.33 15.66
C LEU B 139 -14.63 9.40 16.23
N THR B 140 -14.27 10.53 16.82
CA THR B 140 -12.90 10.72 17.28
C THR B 140 -12.92 11.57 18.54
N GLN B 141 -11.76 12.12 18.90
CA GLN B 141 -11.61 12.96 20.08
C GLN B 141 -10.60 14.05 19.78
N LYS B 142 -10.59 15.07 20.65
CA LYS B 142 -9.75 16.24 20.43
C LYS B 142 -8.29 15.86 20.14
N SER B 143 -7.72 14.97 20.97
CA SER B 143 -6.31 14.63 20.80
C SER B 143 -6.05 13.85 19.52
N VAL B 144 -7.10 13.40 18.83
CA VAL B 144 -6.94 12.59 17.62
C VAL B 144 -7.40 13.32 16.37
N SER B 145 -8.12 14.44 16.51
CA SER B 145 -8.71 15.08 15.33
C SER B 145 -7.65 15.56 14.35
N GLN B 146 -6.50 16.02 14.84
CA GLN B 146 -5.46 16.43 13.91
C GLN B 146 -5.01 15.28 13.03
N LEU B 147 -4.91 14.07 13.60
CA LEU B 147 -4.55 12.91 12.79
C LEU B 147 -5.61 12.64 11.72
N VAL B 148 -6.89 12.79 12.06
CA VAL B 148 -7.94 12.55 11.08
C VAL B 148 -7.82 13.56 9.94
N HIS B 149 -7.49 14.80 10.26
CA HIS B 149 -7.27 15.81 9.24
C HIS B 149 -6.03 15.50 8.42
N ASP B 150 -4.97 15.07 9.09
CA ASP B 150 -3.69 14.84 8.42
C ASP B 150 -3.76 13.70 7.40
N VAL B 151 -4.61 12.69 7.64
CA VAL B 151 -4.72 11.62 6.64
C VAL B 151 -5.67 11.97 5.51
N GLY B 152 -6.38 13.09 5.59
CA GLY B 152 -7.17 13.60 4.49
C GLY B 152 -8.66 13.27 4.50
N TYR B 153 -9.22 12.87 5.63
CA TYR B 153 -10.59 12.36 5.63
C TYR B 153 -11.60 13.45 5.28
N SER B 154 -12.49 13.16 4.32
CA SER B 154 -13.42 14.17 3.79
C SER B 154 -14.85 14.04 4.30
N GLY B 155 -15.15 13.03 5.12
CA GLY B 155 -16.49 12.87 5.64
C GLY B 155 -16.71 13.70 6.90
N GLU B 156 -17.80 13.38 7.61
CA GLU B 156 -18.10 14.08 8.86
C GLU B 156 -17.21 13.55 9.97
N VAL B 157 -16.62 14.47 10.74
CA VAL B 157 -15.73 14.13 11.86
C VAL B 157 -16.40 14.61 13.13
N VAL B 158 -16.80 13.67 13.99
CA VAL B 158 -17.48 13.98 15.24
C VAL B 158 -16.45 13.89 16.36
N VAL B 159 -16.11 15.03 16.94
CA VAL B 159 -15.17 15.09 18.07
C VAL B 159 -16.01 14.92 19.34
N LEU B 160 -16.00 13.70 19.89
CA LEU B 160 -16.95 13.37 20.94
C LEU B 160 -16.77 14.25 22.17
N ASP B 161 -15.52 14.49 22.59
CA ASP B 161 -15.29 15.31 23.77
C ASP B 161 -15.46 16.81 23.51
N GLU B 162 -16.13 17.16 22.41
CA GLU B 162 -16.66 18.50 22.19
C GLU B 162 -18.17 18.53 21.99
N GLU B 163 -18.79 17.38 21.74
CA GLU B 163 -20.24 17.31 21.61
C GLU B 163 -20.91 17.54 22.95
N GLN B 164 -22.01 18.29 22.94
CA GLN B 164 -22.81 18.52 24.15
C GLN B 164 -24.05 17.63 24.06
N LEU B 165 -23.94 16.43 24.63
CA LEU B 165 -25.01 15.45 24.61
C LEU B 165 -25.79 15.39 25.92
N ASP B 166 -25.46 16.26 26.88
CA ASP B 166 -26.07 16.18 28.21
C ASP B 166 -27.58 16.29 28.14
N ALA B 167 -28.10 17.16 27.28
CA ALA B 167 -29.53 17.44 27.25
C ALA B 167 -30.34 16.43 26.47
N ARG B 168 -29.69 15.48 25.80
CA ARG B 168 -30.43 14.55 24.97
C ARG B 168 -31.15 13.50 25.82
N GLU B 169 -32.21 12.94 25.26
CA GLU B 169 -32.93 11.87 25.92
C GLU B 169 -31.99 10.70 26.22
N THR B 170 -32.19 10.05 27.36
CA THR B 170 -31.33 8.97 27.82
C THR B 170 -31.96 7.59 27.74
N ALA B 171 -33.24 7.49 27.38
CA ALA B 171 -33.91 6.20 27.30
C ALA B 171 -33.38 5.40 26.12
N ASN B 172 -33.57 4.09 26.19
CA ASN B 172 -33.16 3.24 25.07
C ASN B 172 -33.88 3.66 23.80
N LEU B 173 -33.14 3.69 22.70
CA LEU B 173 -33.76 3.80 21.41
C LEU B 173 -34.38 2.46 21.04
N HIS B 174 -35.31 2.49 20.11
CA HIS B 174 -35.89 1.23 19.67
C HIS B 174 -35.80 1.13 18.17
N GLN B 175 -34.59 1.38 17.67
CA GLN B 175 -34.33 1.32 16.24
C GLN B 175 -34.55 -0.10 15.74
N PRO B 176 -35.00 -0.25 14.50
CA PRO B 176 -35.18 -1.60 13.94
C PRO B 176 -33.84 -2.33 13.90
N SER B 177 -33.85 -3.57 14.35
CA SER B 177 -32.64 -4.38 14.34
C SER B 177 -33.00 -5.83 14.10
N LYS B 178 -32.13 -6.52 13.36
CA LYS B 178 -32.19 -7.93 13.10
C LYS B 178 -30.85 -8.56 13.46
N PRO B 179 -30.84 -9.78 13.96
CA PRO B 179 -29.54 -10.43 14.25
C PRO B 179 -28.61 -10.51 13.04
N THR B 180 -29.13 -10.48 11.81
CA THR B 180 -28.26 -10.54 10.64
C THR B 180 -27.78 -9.17 10.18
N ASP B 181 -28.17 -8.10 10.87
CA ASP B 181 -27.60 -6.80 10.58
C ASP B 181 -26.11 -6.79 10.93
N LEU B 182 -25.35 -5.93 10.25
CA LEU B 182 -23.93 -5.81 10.57
C LEU B 182 -23.74 -5.22 11.96
N ALA B 183 -22.72 -5.70 12.65
CA ALA B 183 -22.28 -5.14 13.91
C ALA B 183 -20.93 -4.45 13.81
N TYR B 184 -19.97 -5.07 13.12
CA TYR B 184 -18.67 -4.44 12.95
C TYR B 184 -18.01 -4.95 11.69
N VAL B 185 -17.06 -4.15 11.21
CA VAL B 185 -16.23 -4.52 10.08
C VAL B 185 -14.79 -4.35 10.56
N ILE B 186 -14.05 -5.45 10.61
CA ILE B 186 -12.67 -5.41 11.09
C ILE B 186 -11.74 -5.83 9.96
N TYR B 187 -10.69 -5.04 9.75
CA TYR B 187 -9.78 -5.24 8.64
C TYR B 187 -8.61 -6.14 9.04
N THR B 188 -8.29 -7.08 8.15
CA THR B 188 -7.15 -7.96 8.34
C THR B 188 -6.35 -8.05 7.04
N SER B 189 -5.05 -8.34 7.18
CA SER B 189 -4.21 -8.58 6.01
C SER B 189 -3.81 -10.05 5.92
N GLY B 193 -1.74 -9.95 0.58
CA GLY B 193 -2.69 -9.10 -0.10
C GLY B 193 -3.04 -7.82 0.64
N LYS B 194 -3.97 -7.03 0.08
CA LYS B 194 -4.41 -5.82 0.74
C LYS B 194 -5.35 -6.16 1.89
N PRO B 195 -5.51 -5.25 2.85
CA PRO B 195 -6.41 -5.52 3.97
C PRO B 195 -7.83 -5.73 3.46
N LYS B 196 -8.56 -6.62 4.12
CA LYS B 196 -9.94 -6.90 3.75
C LYS B 196 -10.86 -6.63 4.94
N GLY B 197 -11.96 -5.94 4.67
CA GLY B 197 -12.95 -5.65 5.69
C GLY B 197 -13.86 -6.82 5.92
N THR B 198 -13.70 -7.44 7.08
CA THR B 198 -14.46 -8.64 7.42
C THR B 198 -15.74 -8.20 8.11
N MET B 199 -16.89 -8.63 7.56
CA MET B 199 -18.20 -8.13 7.96
C MET B 199 -18.84 -9.11 8.93
N LEU B 200 -19.01 -8.70 10.19
CA LEU B 200 -19.58 -9.55 11.22
C LEU B 200 -20.95 -9.04 11.66
N GLU B 201 -21.89 -9.96 11.78
CA GLU B 201 -23.26 -9.62 12.16
C GLU B 201 -23.47 -9.78 13.66
N HIS B 202 -24.61 -9.30 14.13
CA HIS B 202 -24.90 -9.34 15.56
C HIS B 202 -24.96 -10.78 16.10
N LYS B 203 -25.52 -11.70 15.31
CA LYS B 203 -25.85 -13.02 15.86
C LYS B 203 -24.63 -13.75 16.41
N GLY B 204 -23.46 -13.61 15.78
CA GLY B 204 -22.27 -14.28 16.30
C GLY B 204 -21.92 -13.86 17.71
N ILE B 205 -22.06 -12.57 18.01
CA ILE B 205 -21.77 -12.08 19.35
C ILE B 205 -22.85 -12.52 20.34
N ALA B 206 -24.11 -12.56 19.88
CA ALA B 206 -25.15 -13.11 20.76
C ALA B 206 -24.83 -14.56 21.13
N ASN B 207 -24.37 -15.34 20.16
CA ASN B 207 -23.99 -16.71 20.49
C ASN B 207 -22.84 -16.71 21.49
N LEU B 208 -21.90 -15.77 21.34
CA LEU B 208 -20.76 -15.75 22.25
C LEU B 208 -21.19 -15.43 23.68
N GLN B 209 -22.18 -14.55 23.87
CA GLN B 209 -22.66 -14.30 25.22
C GLN B 209 -22.99 -15.62 25.92
N SER B 210 -23.74 -16.48 25.22
CA SER B 210 -24.15 -17.77 25.76
C SER B 210 -22.94 -18.68 25.97
N PHE B 211 -22.02 -18.72 25.00
CA PHE B 211 -20.79 -19.49 25.14
C PHE B 211 -20.04 -19.08 26.41
N PHE B 212 -19.86 -17.77 26.61
CA PHE B 212 -19.10 -17.30 27.77
C PHE B 212 -19.79 -17.70 29.07
N GLN B 213 -21.11 -17.56 29.12
CA GLN B 213 -21.82 -17.89 30.35
C GLN B 213 -21.81 -19.39 30.61
N ASN B 214 -22.04 -20.20 29.57
CA ASN B 214 -22.06 -21.66 29.74
C ASN B 214 -20.67 -22.21 30.05
N SER B 215 -19.68 -21.81 29.26
CA SER B 215 -18.39 -22.51 29.24
C SER B 215 -17.36 -21.90 30.18
N PHE B 216 -17.42 -20.59 30.41
CA PHE B 216 -16.53 -19.94 31.37
C PHE B 216 -17.24 -19.56 32.66
N GLY B 217 -18.57 -19.72 32.72
CA GLY B 217 -19.29 -19.32 33.91
C GLY B 217 -19.24 -17.84 34.19
N VAL B 218 -19.13 -17.01 33.16
CA VAL B 218 -19.04 -15.57 33.39
C VAL B 218 -20.32 -15.09 34.08
N THR B 219 -20.15 -14.28 35.11
CA THR B 219 -21.27 -13.66 35.81
C THR B 219 -20.98 -12.19 36.02
N GLU B 220 -21.96 -11.48 36.58
CA GLU B 220 -21.78 -10.05 36.82
C GLU B 220 -20.68 -9.77 37.85
N GLN B 221 -20.28 -10.77 38.65
CA GLN B 221 -19.20 -10.55 39.61
C GLN B 221 -17.83 -10.57 38.96
N ASP B 222 -17.69 -11.04 37.73
CA ASP B 222 -16.35 -11.08 37.15
C ASP B 222 -15.84 -9.67 36.87
N ARG B 223 -14.50 -9.56 36.84
CA ARG B 223 -13.81 -8.33 36.49
C ARG B 223 -12.86 -8.70 35.36
N ILE B 224 -13.10 -8.16 34.17
CA ILE B 224 -12.44 -8.62 32.96
C ILE B 224 -11.55 -7.51 32.42
N GLY B 225 -10.28 -7.85 32.15
CA GLY B 225 -9.39 -6.88 31.55
C GLY B 225 -9.61 -6.77 30.05
N LEU B 226 -9.34 -5.59 29.51
CA LEU B 226 -9.28 -5.38 28.07
C LEU B 226 -7.85 -4.99 27.70
N PHE B 227 -7.20 -5.85 26.94
CA PHE B 227 -5.80 -5.71 26.56
C PHE B 227 -5.61 -5.33 25.10
N ALA B 228 -6.36 -5.95 24.20
CA ALA B 228 -6.06 -5.85 22.77
C ALA B 228 -6.50 -4.49 22.21
N SER B 229 -5.84 -4.12 21.10
CA SER B 229 -6.31 -3.00 20.29
C SER B 229 -7.75 -3.23 19.84
N MET B 230 -8.53 -2.14 19.77
CA MET B 230 -9.91 -2.26 19.29
C MET B 230 -9.98 -2.63 17.82
N SER B 231 -8.87 -2.54 17.08
CA SER B 231 -8.81 -2.99 15.69
C SER B 231 -8.48 -4.47 15.56
N PHE B 232 -8.27 -5.17 16.68
CA PHE B 232 -8.03 -6.61 16.71
C PHE B 232 -9.30 -7.23 17.29
N ASP B 233 -9.84 -8.27 16.63
CA ASP B 233 -11.16 -8.71 17.09
C ASP B 233 -11.11 -9.41 18.44
N VAL B 234 -9.91 -9.71 18.97
CA VAL B 234 -9.83 -10.16 20.36
C VAL B 234 -10.50 -9.14 21.28
N SER B 235 -10.36 -7.86 20.97
CA SER B 235 -10.96 -6.84 21.83
C SER B 235 -12.48 -6.93 21.84
N VAL B 236 -13.08 -7.36 20.73
CA VAL B 236 -14.54 -7.53 20.68
C VAL B 236 -14.98 -8.61 21.67
N SER B 237 -14.29 -9.74 21.64
CA SER B 237 -14.54 -10.81 22.60
C SER B 237 -14.40 -10.31 24.03
N GLU B 238 -13.30 -9.60 24.31
CA GLU B 238 -13.05 -9.11 25.66
C GLU B 238 -14.17 -8.17 26.11
N MET B 239 -14.48 -7.18 25.28
CA MET B 239 -15.45 -6.15 25.65
C MET B 239 -16.82 -6.75 25.95
N PHE B 240 -17.32 -7.60 25.07
CA PHE B 240 -18.66 -8.15 25.26
C PHE B 240 -18.69 -9.34 26.19
N MET B 241 -17.55 -10.01 26.42
CA MET B 241 -17.48 -10.97 27.53
C MET B 241 -17.92 -10.32 28.83
N ALA B 242 -17.48 -9.08 29.07
CA ALA B 242 -17.92 -8.34 30.25
C ALA B 242 -19.32 -7.77 30.07
N LEU B 243 -19.51 -6.96 29.04
CA LEU B 243 -20.68 -6.08 28.99
C LEU B 243 -21.97 -6.81 28.69
N LEU B 244 -21.92 -8.02 28.11
CA LEU B 244 -23.14 -8.77 27.88
C LEU B 244 -23.43 -9.73 29.03
N SER B 245 -22.70 -9.63 30.14
CA SER B 245 -22.97 -10.46 31.29
C SER B 245 -23.11 -9.68 32.59
N GLY B 246 -22.98 -8.36 32.56
CA GLY B 246 -23.07 -7.56 33.76
C GLY B 246 -21.76 -7.44 34.52
N ALA B 247 -20.68 -7.98 33.97
CA ALA B 247 -19.37 -7.90 34.58
C ALA B 247 -18.74 -6.54 34.30
N SER B 248 -17.63 -6.27 34.99
CA SER B 248 -16.94 -5.00 34.81
C SER B 248 -15.77 -5.15 33.87
N LEU B 249 -15.58 -4.17 32.99
CA LEU B 249 -14.54 -4.18 31.99
C LEU B 249 -13.46 -3.18 32.38
N TYR B 250 -12.25 -3.66 32.66
CA TYR B 250 -11.14 -2.79 33.03
C TYR B 250 -10.25 -2.57 31.81
N ILE B 251 -10.30 -1.35 31.26
CA ILE B 251 -9.49 -1.01 30.09
C ILE B 251 -8.08 -0.72 30.56
N LEU B 252 -7.13 -1.53 30.12
CA LEU B 252 -5.76 -1.37 30.60
C LEU B 252 -5.07 -0.23 29.85
N SER B 253 -4.37 0.62 30.59
CA SER B 253 -3.69 1.76 29.99
C SER B 253 -2.38 1.32 29.31
N LYS B 254 -1.90 2.18 28.41
CA LYS B 254 -0.63 1.90 27.73
C LYS B 254 0.50 1.72 28.73
N GLN B 255 0.52 2.53 29.79
CA GLN B 255 1.57 2.46 30.79
C GLN B 255 1.51 1.15 31.55
N THR B 256 0.30 0.67 31.85
CA THR B 256 0.13 -0.61 32.54
C THR B 256 0.63 -1.76 31.67
N ILE B 257 0.30 -1.74 30.37
CA ILE B 257 0.72 -2.80 29.47
C ILE B 257 2.22 -2.77 29.26
N HIS B 258 2.82 -1.58 29.28
CA HIS B 258 4.22 -1.42 28.90
C HIS B 258 5.19 -2.00 29.92
N ASP B 259 4.75 -2.25 31.15
CA ASP B 259 5.62 -2.73 32.21
C ASP B 259 4.99 -3.98 32.81
N PHE B 260 5.69 -5.12 32.70
CA PHE B 260 5.12 -6.39 33.15
C PHE B 260 4.75 -6.37 34.63
N ALA B 261 5.62 -5.79 35.47
CA ALA B 261 5.30 -5.74 36.89
C ALA B 261 4.10 -4.83 37.17
N ALA B 262 3.98 -3.71 36.44
CA ALA B 262 2.81 -2.86 36.60
C ALA B 262 1.54 -3.57 36.16
N PHE B 263 1.64 -4.37 35.09
CA PHE B 263 0.51 -5.19 34.65
C PHE B 263 0.06 -6.14 35.75
N GLU B 264 1.01 -6.91 36.31
CA GLU B 264 0.67 -7.83 37.38
C GLU B 264 0.07 -7.10 38.57
N HIS B 265 0.62 -5.94 38.92
CA HIS B 265 0.10 -5.23 40.07
C HIS B 265 -1.32 -4.73 39.79
N TYR B 266 -1.57 -4.25 38.57
CA TYR B 266 -2.89 -3.75 38.24
C TYR B 266 -3.94 -4.85 38.33
N LEU B 267 -3.63 -6.01 37.74
CA LEU B 267 -4.54 -7.13 37.83
C LEU B 267 -4.81 -7.52 39.28
N SER B 268 -3.77 -7.50 40.11
CA SER B 268 -3.93 -7.95 41.48
C SER B 268 -4.67 -6.92 42.33
N GLU B 269 -4.27 -5.65 42.21
CA GLU B 269 -4.91 -4.59 42.98
C GLU B 269 -6.41 -4.52 42.70
N ASN B 270 -6.79 -4.71 41.44
CA ASN B 270 -8.18 -4.60 41.05
C ASN B 270 -8.90 -5.95 41.04
N GLU B 271 -8.20 -7.01 41.47
CA GLU B 271 -8.77 -8.36 41.60
C GLU B 271 -9.47 -8.81 40.32
N LEU B 272 -8.79 -8.59 39.19
CA LEU B 272 -9.34 -9.05 37.93
C LEU B 272 -9.42 -10.57 37.92
N THR B 273 -10.46 -11.11 37.29
CA THR B 273 -10.71 -12.55 37.32
C THR B 273 -10.53 -13.23 35.98
N ILE B 274 -10.65 -12.50 34.87
CA ILE B 274 -10.45 -13.09 33.54
C ILE B 274 -9.64 -12.12 32.70
N ILE B 275 -8.68 -12.66 31.95
CA ILE B 275 -7.99 -11.87 30.94
C ILE B 275 -7.66 -12.76 29.75
N THR B 276 -7.61 -12.15 28.57
CA THR B 276 -7.13 -12.77 27.33
C THR B 276 -5.85 -12.07 26.88
N LEU B 277 -4.84 -12.86 26.53
CA LEU B 277 -3.53 -12.32 26.17
C LEU B 277 -2.96 -13.05 24.96
N PRO B 278 -2.11 -12.38 24.19
CA PRO B 278 -1.25 -13.10 23.26
C PRO B 278 -0.24 -13.91 24.04
N PRO B 279 0.09 -15.12 23.59
CA PRO B 279 1.11 -15.91 24.30
C PRO B 279 2.41 -15.18 24.45
N THR B 280 2.77 -14.33 23.48
CA THR B 280 4.04 -13.62 23.53
C THR B 280 4.08 -12.63 24.70
N TYR B 281 2.93 -12.21 25.21
CA TYR B 281 2.91 -11.35 26.39
C TYR B 281 2.89 -12.20 27.65
N LEU B 282 2.06 -13.24 27.66
CA LEU B 282 1.94 -14.10 28.84
C LEU B 282 3.27 -14.69 29.24
N THR B 283 4.14 -15.00 28.27
CA THR B 283 5.41 -15.64 28.57
C THR B 283 6.28 -14.80 29.49
N HIS B 284 6.01 -13.51 29.64
CA HIS B 284 6.81 -12.63 30.48
C HIS B 284 6.24 -12.45 31.87
N LEU B 285 5.11 -13.07 32.17
CA LEU B 285 4.41 -12.86 33.43
C LEU B 285 4.70 -13.99 34.41
N THR B 286 4.48 -13.68 35.68
CA THR B 286 4.75 -14.57 36.81
C THR B 286 3.43 -15.01 37.41
N PRO B 287 3.09 -16.31 37.39
CA PRO B 287 1.78 -16.71 37.93
C PRO B 287 1.61 -16.33 39.39
N GLU B 288 2.67 -16.41 40.20
CA GLU B 288 2.60 -16.07 41.62
C GLU B 288 2.41 -14.58 41.86
N ARG B 289 2.41 -13.75 40.81
CA ARG B 289 2.16 -12.33 40.94
C ARG B 289 0.81 -11.90 40.36
N ILE B 290 -0.01 -12.84 39.88
CA ILE B 290 -1.37 -12.50 39.42
C ILE B 290 -2.38 -13.43 40.07
N THR B 291 -2.51 -13.31 41.38
CA THR B 291 -3.23 -14.26 42.21
C THR B 291 -4.74 -14.31 41.93
N SER B 292 -5.34 -13.23 41.42
CA SER B 292 -6.80 -13.12 41.41
C SER B 292 -7.46 -13.78 40.21
N LEU B 293 -6.72 -14.09 39.16
CA LEU B 293 -7.33 -14.61 37.94
C LEU B 293 -7.86 -16.02 38.17
N ARG B 294 -9.08 -16.28 37.71
CA ARG B 294 -9.57 -17.64 37.64
C ARG B 294 -9.40 -18.24 36.26
N ILE B 295 -9.33 -17.42 35.22
CA ILE B 295 -9.18 -17.87 33.84
C ILE B 295 -8.11 -17.03 33.16
N MET B 296 -7.21 -17.69 32.44
CA MET B 296 -6.27 -17.04 31.54
C MET B 296 -6.51 -17.62 30.16
N ILE B 297 -6.86 -16.76 29.20
CA ILE B 297 -7.07 -17.18 27.82
C ILE B 297 -5.91 -16.66 26.98
N THR B 298 -5.35 -17.52 26.12
CA THR B 298 -4.43 -17.02 25.09
C THR B 298 -5.09 -17.20 23.73
N ALA B 299 -4.84 -16.25 22.85
CA ALA B 299 -5.47 -16.28 21.53
C ALA B 299 -4.53 -15.64 20.52
N GLY B 300 -4.73 -15.99 19.25
CA GLY B 300 -4.06 -15.32 18.15
C GLY B 300 -2.85 -16.06 17.59
N SER B 301 -2.13 -16.80 18.41
CA SER B 301 -0.97 -17.53 17.94
C SER B 301 -0.75 -18.70 18.88
N ALA B 302 0.18 -19.59 18.49
CA ALA B 302 0.33 -20.85 19.20
C ALA B 302 0.95 -20.63 20.58
N SER B 303 0.35 -21.23 21.58
CA SER B 303 0.93 -21.32 22.91
C SER B 303 1.81 -22.56 22.99
N SER B 304 3.03 -22.40 23.48
CA SER B 304 3.96 -23.51 23.57
C SER B 304 3.60 -24.42 24.74
N ALA B 305 4.05 -25.68 24.66
CA ALA B 305 3.84 -26.58 25.79
C ALA B 305 4.52 -26.08 27.06
N PRO B 306 5.73 -25.56 27.04
CA PRO B 306 6.30 -25.03 28.29
C PRO B 306 5.47 -23.91 28.88
N LEU B 307 4.90 -23.04 28.04
CA LEU B 307 4.05 -21.97 28.56
C LEU B 307 2.80 -22.53 29.23
N VAL B 308 2.10 -23.43 28.54
CA VAL B 308 0.89 -24.00 29.11
C VAL B 308 1.20 -24.71 30.43
N ASN B 309 2.30 -25.45 30.48
CA ASN B 309 2.60 -26.20 31.70
C ASN B 309 2.88 -25.27 32.87
N LYS B 310 3.38 -24.06 32.60
CA LYS B 310 3.63 -23.10 33.67
C LYS B 310 2.34 -22.54 34.28
N TRP B 311 1.22 -22.59 33.53
CA TRP B 311 -0.01 -21.95 33.99
C TRP B 311 -1.16 -22.90 34.27
N LYS B 312 -1.14 -24.11 33.72
CA LYS B 312 -2.38 -24.91 33.69
C LYS B 312 -2.81 -25.41 35.07
N ASP B 313 -1.90 -25.44 36.06
CA ASP B 313 -2.28 -25.87 37.39
C ASP B 313 -2.36 -24.72 38.37
N LYS B 314 -2.23 -23.49 37.89
CA LYS B 314 -2.37 -22.30 38.72
C LYS B 314 -3.71 -21.60 38.52
N LEU B 315 -4.37 -21.86 37.39
CA LEU B 315 -5.67 -21.28 37.07
C LEU B 315 -6.21 -22.10 35.91
N ARG B 316 -7.39 -21.72 35.41
CA ARG B 316 -7.93 -22.39 34.23
C ARG B 316 -7.29 -21.77 33.01
N TYR B 317 -6.37 -22.51 32.38
CA TYR B 317 -5.71 -22.06 31.17
C TYR B 317 -6.55 -22.47 29.96
N ILE B 318 -6.84 -21.52 29.08
CA ILE B 318 -7.69 -21.77 27.92
C ILE B 318 -6.98 -21.26 26.68
N ASN B 319 -6.82 -22.15 25.69
CA ASN B 319 -6.27 -21.80 24.39
C ASN B 319 -7.45 -21.58 23.46
N ALA B 320 -7.54 -20.40 22.86
CA ALA B 320 -8.69 -20.03 22.03
C ALA B 320 -8.20 -19.75 20.62
N TYR B 321 -8.86 -20.38 19.65
CA TYR B 321 -8.47 -20.28 18.25
C TYR B 321 -9.62 -19.77 17.40
N GLY B 322 -9.30 -18.96 16.41
CA GLY B 322 -10.24 -18.64 15.38
C GLY B 322 -9.67 -17.65 14.40
N PRO B 323 -10.23 -17.62 13.21
CA PRO B 323 -9.96 -16.53 12.27
C PRO B 323 -10.87 -15.36 12.57
N THR B 324 -10.46 -14.18 12.09
CA THR B 324 -11.35 -13.02 12.21
C THR B 324 -12.71 -13.31 11.56
N GLU B 325 -12.73 -14.22 10.59
CA GLU B 325 -13.95 -14.55 9.86
C GLU B 325 -15.01 -15.24 10.72
N CYS B 326 -14.70 -15.65 11.95
CA CYS B 326 -15.78 -15.97 12.89
C CYS B 326 -15.45 -15.58 14.33
N LEU B 327 -14.43 -14.76 14.54
CA LEU B 327 -13.93 -14.33 15.85
C LEU B 327 -13.25 -15.49 16.57
N VAL B 328 -14.02 -16.40 17.16
CA VAL B 328 -13.44 -17.57 17.83
C VAL B 328 -14.22 -18.80 17.41
N ALA B 329 -13.50 -19.87 17.11
CA ALA B 329 -14.10 -21.11 16.62
C ALA B 329 -13.95 -22.28 17.58
N THR B 330 -12.82 -22.38 18.29
CA THR B 330 -12.55 -23.52 19.15
C THR B 330 -11.87 -23.05 20.43
N ILE B 331 -12.04 -23.83 21.51
CA ILE B 331 -11.29 -23.59 22.74
C ILE B 331 -10.83 -24.93 23.29
N TRP B 332 -9.66 -24.89 23.92
CA TRP B 332 -9.12 -26.01 24.69
C TRP B 332 -8.82 -25.52 26.09
N GLU B 333 -9.50 -26.09 27.08
CA GLU B 333 -9.15 -25.82 28.48
C GLU B 333 -8.23 -26.92 28.94
N ALA B 334 -7.02 -26.56 29.39
CA ALA B 334 -6.08 -27.57 29.85
C ALA B 334 -6.68 -28.30 31.06
N PRO B 335 -6.81 -29.62 31.03
CA PRO B 335 -7.50 -30.31 32.12
C PRO B 335 -6.69 -30.27 33.41
N SER B 336 -7.40 -30.29 34.54
CA SER B 336 -6.73 -30.24 35.83
C SER B 336 -6.28 -31.64 36.25
N ASN B 337 -5.37 -31.67 37.21
CA ASN B 337 -4.93 -32.92 37.86
C ASN B 337 -4.22 -33.86 36.89
N GLN B 338 -3.44 -33.30 35.97
CA GLN B 338 -2.69 -34.09 35.00
C GLN B 338 -1.20 -33.76 35.07
N LEU B 339 -0.41 -34.65 34.47
CA LEU B 339 1.01 -34.39 34.26
C LEU B 339 1.20 -33.35 33.16
N SER B 340 2.46 -33.01 32.90
CA SER B 340 2.78 -32.04 31.85
C SER B 340 2.21 -32.48 30.51
N VAL B 341 1.87 -31.48 29.68
CA VAL B 341 1.45 -31.72 28.30
C VAL B 341 2.65 -31.58 27.37
N GLN B 342 2.62 -32.34 26.28
CA GLN B 342 3.64 -32.21 25.24
C GLN B 342 3.11 -31.56 23.99
N SER B 343 1.80 -31.41 23.85
CA SER B 343 1.22 -30.64 22.77
C SER B 343 0.07 -29.84 23.32
N VAL B 344 -0.29 -28.78 22.61
CA VAL B 344 -1.31 -27.84 23.03
C VAL B 344 -2.39 -27.79 21.96
N PRO B 345 -3.46 -28.57 22.12
CA PRO B 345 -4.55 -28.53 21.14
C PRO B 345 -5.20 -27.16 21.07
N ILE B 346 -5.85 -26.89 19.93
CA ILE B 346 -6.79 -25.76 19.88
C ILE B 346 -8.18 -26.21 20.30
N GLY B 347 -8.40 -27.50 20.55
CA GLY B 347 -9.57 -27.94 21.29
C GLY B 347 -10.75 -28.35 20.45
N LYS B 348 -11.94 -27.98 20.88
CA LYS B 348 -13.18 -28.42 20.27
C LYS B 348 -14.00 -27.21 19.83
N PRO B 349 -14.85 -27.38 18.84
CA PRO B 349 -15.70 -26.28 18.38
C PRO B 349 -16.55 -25.72 19.53
N ILE B 350 -16.73 -24.39 19.53
CA ILE B 350 -17.60 -23.79 20.52
C ILE B 350 -19.05 -24.04 20.10
N GLN B 351 -20.00 -23.76 21.00
CA GLN B 351 -21.40 -24.05 20.70
C GLN B 351 -21.85 -23.39 19.40
N ASN B 352 -22.69 -24.12 18.66
CA ASN B 352 -23.33 -23.63 17.44
C ASN B 352 -22.31 -23.28 16.35
N THR B 353 -21.13 -23.88 16.44
CA THR B 353 -20.07 -23.77 15.47
C THR B 353 -19.64 -25.18 15.10
N HIS B 354 -19.33 -25.40 13.82
CA HIS B 354 -18.91 -26.73 13.39
C HIS B 354 -17.59 -26.61 12.65
N ILE B 355 -16.71 -27.57 12.90
CA ILE B 355 -15.40 -27.64 12.28
C ILE B 355 -15.40 -28.84 11.35
N TYR B 356 -14.93 -28.63 10.13
CA TYR B 356 -14.72 -29.69 9.15
C TYR B 356 -13.24 -29.67 8.77
N ILE B 357 -12.57 -30.80 8.94
CA ILE B 357 -11.19 -30.94 8.51
C ILE B 357 -11.22 -31.80 7.26
N VAL B 358 -10.83 -31.20 6.12
CA VAL B 358 -11.09 -31.78 4.81
C VAL B 358 -9.83 -31.77 3.96
N ASN B 359 -9.85 -32.61 2.93
CA ASN B 359 -8.77 -32.60 1.95
C ASN B 359 -9.10 -31.58 0.86
N GLU B 360 -8.30 -31.57 -0.21
CA GLU B 360 -8.48 -30.59 -1.26
C GLU B 360 -9.81 -30.75 -1.98
N ASP B 361 -10.39 -31.94 -1.94
CA ASP B 361 -11.69 -32.20 -2.53
C ASP B 361 -12.84 -31.95 -1.55
N LEU B 362 -12.53 -31.36 -0.40
CA LEU B 362 -13.53 -31.06 0.64
C LEU B 362 -14.18 -32.34 1.19
N GLN B 363 -13.43 -33.43 1.23
CA GLN B 363 -13.89 -34.67 1.85
C GLN B 363 -13.40 -34.74 3.29
N LEU B 364 -14.28 -35.19 4.18
CA LEU B 364 -13.97 -35.21 5.60
C LEU B 364 -12.88 -36.24 5.92
N LEU B 365 -11.99 -35.89 6.86
CA LEU B 365 -10.86 -36.75 7.19
C LEU B 365 -11.01 -37.41 8.56
N PRO B 366 -10.52 -38.64 8.71
CA PRO B 366 -10.59 -39.33 10.00
C PRO B 366 -9.56 -38.79 10.99
N THR B 367 -9.66 -39.27 12.23
CA THR B 367 -8.68 -38.85 13.23
C THR B 367 -7.27 -39.19 12.77
N GLY B 368 -6.34 -38.26 12.99
CA GLY B 368 -4.96 -38.46 12.63
C GLY B 368 -4.55 -37.94 11.27
N SER B 369 -5.50 -37.62 10.39
CA SER B 369 -5.20 -37.18 9.03
C SER B 369 -5.25 -35.65 8.97
N GLU B 370 -4.19 -35.04 8.47
CA GLU B 370 -4.15 -33.58 8.43
C GLU B 370 -4.85 -33.06 7.18
N GLY B 371 -5.55 -31.93 7.34
CA GLY B 371 -6.22 -31.29 6.24
C GLY B 371 -6.52 -29.84 6.57
N GLU B 372 -7.34 -29.21 5.73
CA GLU B 372 -7.67 -27.82 5.94
C GLU B 372 -8.83 -27.69 6.94
N LEU B 373 -8.66 -26.80 7.91
CA LEU B 373 -9.70 -26.51 8.87
C LEU B 373 -10.71 -25.54 8.25
N CYS B 374 -11.96 -25.98 8.15
CA CYS B 374 -13.05 -25.17 7.62
C CYS B 374 -14.12 -25.01 8.68
N ILE B 375 -14.88 -23.92 8.61
CA ILE B 375 -15.75 -23.54 9.71
C ILE B 375 -17.15 -23.23 9.20
N GLY B 376 -18.15 -23.79 9.84
CA GLY B 376 -19.52 -23.36 9.66
C GLY B 376 -20.13 -22.91 10.97
N GLY B 377 -21.21 -22.16 10.89
CA GLY B 377 -21.90 -21.87 12.14
C GLY B 377 -22.45 -20.48 12.25
N VAL B 378 -23.08 -20.20 13.40
CA VAL B 378 -23.83 -18.97 13.56
C VAL B 378 -22.92 -17.75 13.56
N GLY B 379 -21.64 -17.91 13.87
CA GLY B 379 -20.74 -16.79 13.97
C GLY B 379 -19.98 -16.45 12.71
N LEU B 380 -20.23 -17.15 11.61
CA LEU B 380 -19.51 -16.88 10.38
C LEU B 380 -19.78 -15.46 9.88
N ALA B 381 -18.73 -14.79 9.41
CA ALA B 381 -18.89 -13.49 8.80
C ALA B 381 -19.79 -13.56 7.56
N ARG B 382 -20.43 -12.43 7.26
CA ARG B 382 -21.18 -12.30 6.01
C ARG B 382 -20.24 -12.39 4.81
N GLY B 383 -19.01 -11.93 4.95
CA GLY B 383 -18.03 -11.96 3.88
C GLY B 383 -17.09 -10.78 4.01
N TYR B 384 -16.50 -10.37 2.89
CA TYR B 384 -15.56 -9.28 2.83
C TYR B 384 -16.20 -8.08 2.13
N TRP B 385 -16.07 -6.91 2.75
CA TRP B 385 -16.68 -5.70 2.24
C TRP B 385 -16.23 -5.38 0.81
N ASN B 386 -17.19 -5.37 -0.12
CA ASN B 386 -16.95 -5.01 -1.53
C ASN B 386 -15.86 -5.87 -2.20
N ARG B 387 -15.74 -7.13 -1.78
CA ARG B 387 -14.84 -8.10 -2.39
C ARG B 387 -15.64 -9.35 -2.71
N PRO B 388 -16.53 -9.28 -3.70
CA PRO B 388 -17.42 -10.42 -3.94
C PRO B 388 -16.71 -11.67 -4.43
N ASP B 389 -15.70 -11.54 -5.29
CA ASP B 389 -15.00 -12.72 -5.77
C ASP B 389 -14.21 -13.39 -4.65
N LEU B 390 -13.46 -12.60 -3.87
CA LEU B 390 -12.75 -13.16 -2.74
C LEU B 390 -13.71 -13.80 -1.75
N THR B 391 -14.85 -13.16 -1.48
CA THR B 391 -15.83 -13.74 -0.58
C THR B 391 -16.28 -15.10 -1.09
N ALA B 392 -16.60 -15.20 -2.38
CA ALA B 392 -17.10 -16.46 -2.92
C ALA B 392 -16.03 -17.55 -2.89
N GLU B 393 -14.76 -17.17 -2.98
CA GLU B 393 -13.67 -18.14 -2.96
C GLU B 393 -13.44 -18.70 -1.55
N LYS B 394 -13.66 -17.89 -0.52
CA LYS B 394 -13.33 -18.29 0.84
C LYS B 394 -14.54 -18.75 1.64
N PHE B 395 -15.71 -18.16 1.39
CA PHE B 395 -16.96 -18.55 2.02
C PHE B 395 -17.74 -19.36 0.99
N VAL B 396 -17.46 -20.67 0.94
CA VAL B 396 -18.01 -21.53 -0.10
C VAL B 396 -19.30 -22.15 0.39
N ASP B 397 -20.10 -22.68 -0.54
CA ASP B 397 -21.26 -23.44 -0.13
C ASP B 397 -20.82 -24.56 0.79
N ASN B 398 -21.54 -24.74 1.90
CA ASN B 398 -21.18 -25.80 2.82
C ASN B 398 -21.61 -27.14 2.24
N PRO B 399 -20.67 -28.03 1.89
CA PRO B 399 -21.08 -29.30 1.26
C PRO B 399 -21.86 -30.20 2.21
N PHE B 400 -21.78 -29.95 3.50
CA PHE B 400 -22.39 -30.81 4.51
C PHE B 400 -23.71 -30.28 5.04
N VAL B 401 -24.00 -29.00 4.80
CA VAL B 401 -25.22 -28.39 5.32
C VAL B 401 -25.82 -27.57 4.17
N PRO B 402 -26.79 -28.11 3.45
CA PRO B 402 -27.33 -27.39 2.29
C PRO B 402 -27.86 -26.02 2.68
N GLY B 403 -27.57 -25.04 1.82
CA GLY B 403 -28.06 -23.69 2.04
C GLY B 403 -27.26 -22.85 3.00
N GLU B 404 -26.17 -23.37 3.55
CA GLU B 404 -25.29 -22.59 4.41
C GLU B 404 -23.91 -22.48 3.77
N LYS B 405 -23.08 -21.62 4.37
CA LYS B 405 -21.72 -21.40 3.90
C LYS B 405 -20.72 -22.03 4.87
N MET B 406 -19.50 -22.17 4.36
CA MET B 406 -18.39 -22.73 5.10
C MET B 406 -17.15 -21.92 4.77
N TYR B 407 -16.40 -21.49 5.78
CA TYR B 407 -15.23 -20.67 5.58
C TYR B 407 -13.97 -21.53 5.54
N ARG B 408 -13.16 -21.35 4.50
CA ARG B 408 -11.91 -22.11 4.33
C ARG B 408 -10.77 -21.28 4.95
N THR B 409 -10.23 -21.76 6.08
CA THR B 409 -9.31 -20.92 6.85
C THR B 409 -7.92 -20.82 6.27
N GLY B 410 -7.50 -21.79 5.46
CA GLY B 410 -6.09 -21.90 5.12
C GLY B 410 -5.21 -22.44 6.23
N ASP B 411 -5.78 -22.87 7.35
CA ASP B 411 -5.03 -23.45 8.45
C ASP B 411 -5.00 -24.97 8.28
N LEU B 412 -3.86 -25.56 8.60
CA LEU B 412 -3.69 -27.01 8.60
C LEU B 412 -4.01 -27.55 10.00
N ALA B 413 -4.73 -28.68 10.05
CA ALA B 413 -5.10 -29.22 11.35
C ALA B 413 -5.42 -30.70 11.22
N LYS B 414 -5.58 -31.36 12.38
CA LYS B 414 -6.05 -32.72 12.39
C LYS B 414 -6.86 -32.97 13.65
N TRP B 415 -7.79 -33.91 13.56
CA TRP B 415 -8.48 -34.40 14.74
C TRP B 415 -7.60 -35.38 15.50
N LEU B 416 -7.61 -35.25 16.81
CA LEU B 416 -7.00 -36.24 17.69
C LEU B 416 -8.05 -37.27 18.08
N THR B 417 -7.58 -38.45 18.51
CA THR B 417 -8.50 -39.53 18.80
C THR B 417 -9.46 -39.20 19.93
N ASP B 418 -9.18 -38.16 20.71
CA ASP B 418 -10.08 -37.75 21.78
C ASP B 418 -11.06 -36.64 21.36
N GLY B 419 -11.10 -36.29 20.07
CA GLY B 419 -12.06 -35.30 19.63
C GLY B 419 -11.63 -33.87 19.74
N THR B 420 -10.40 -33.61 20.18
CA THR B 420 -9.83 -32.27 20.12
C THR B 420 -9.06 -32.11 18.81
N ILE B 421 -8.76 -30.87 18.46
CA ILE B 421 -8.09 -30.55 17.21
C ILE B 421 -6.69 -30.05 17.51
N GLU B 422 -5.72 -30.50 16.72
CA GLU B 422 -4.36 -29.99 16.79
C GLU B 422 -4.13 -29.06 15.61
N PHE B 423 -3.67 -27.84 15.90
CA PHE B 423 -3.31 -26.87 14.87
C PHE B 423 -1.91 -27.16 14.36
N LEU B 424 -1.75 -27.20 13.04
CA LEU B 424 -0.49 -27.63 12.43
C LEU B 424 0.16 -26.57 11.57
N GLY B 425 -0.31 -25.32 11.61
CA GLY B 425 0.26 -24.27 10.78
C GLY B 425 -0.63 -23.94 9.60
N ARG B 426 -0.04 -23.49 8.50
CA ARG B 426 -0.81 -23.08 7.32
C ARG B 426 -0.67 -24.12 6.21
N ILE B 427 -1.73 -24.27 5.42
CA ILE B 427 -1.72 -25.25 4.33
C ILE B 427 -0.83 -24.73 3.20
#